data_2HHL
#
_entry.id   2HHL
#
_cell.length_a   47.419
_cell.length_b   49.857
_cell.length_c   179.747
_cell.angle_alpha   90.00
_cell.angle_beta   96.90
_cell.angle_gamma   90.00
#
_symmetry.space_group_name_H-M   'P 1 21 1'
#
loop_
_entity.id
_entity.type
_entity.pdbx_description
1 polymer 'CTD small phosphatase-like protein'
2 non-polymer 12-TUNGSTOPHOSPHATE
3 water water
#
_entity_poly.entity_id   1
_entity_poly.type   'polypeptide(L)'
_entity_poly.pdbx_seq_one_letter_code
;MSLRQVIPIPSPPAKYLLPEVTVLDYGKKCVVIDLDETLVHSSFKPISNADFIVPVEIDGTIHQVYVLKRPHVDEFLQRM
GQLFECVLFTASLAKYADPVADLLDRWGVFRARLFRESCVFHRGNYVKDLSRLGRELSKVIIVDNSPASYIFHPENAVPV
QSWFDDMTDTELLDLIPFFEGLSREDDEGHHHHHH
;
_entity_poly.pdbx_strand_id   A,B,C,D
#
# COMPACT_ATOMS: atom_id res chain seq x y z
N GLN A 5 -22.28 17.91 4.98
CA GLN A 5 -22.09 19.33 4.54
C GLN A 5 -21.60 20.33 5.61
N VAL A 6 -22.15 20.24 6.84
CA VAL A 6 -21.79 21.17 7.94
C VAL A 6 -20.27 21.29 8.09
N ILE A 7 -19.63 20.19 8.51
CA ILE A 7 -18.17 20.10 8.48
C ILE A 7 -17.74 19.22 7.28
N PRO A 8 -16.60 19.58 6.63
CA PRO A 8 -16.07 18.92 5.40
C PRO A 8 -15.90 17.40 5.52
N ILE A 9 -16.53 16.67 4.60
CA ILE A 9 -16.38 15.20 4.55
C ILE A 9 -14.95 14.84 4.11
N PRO A 10 -14.32 13.85 4.79
CA PRO A 10 -12.93 13.54 4.43
C PRO A 10 -12.83 13.10 2.97
N SER A 11 -11.66 13.33 2.37
CA SER A 11 -11.43 13.18 0.92
C SER A 11 -11.84 11.82 0.30
N PRO A 12 -12.71 11.85 -0.74
CA PRO A 12 -13.19 10.59 -1.35
C PRO A 12 -12.11 9.85 -2.19
N PRO A 13 -11.96 8.51 -1.99
CA PRO A 13 -10.78 7.77 -2.50
C PRO A 13 -10.63 7.75 -4.05
N ALA A 14 -9.40 7.92 -4.54
CA ALA A 14 -9.13 7.82 -5.98
C ALA A 14 -9.41 6.40 -6.48
N LYS A 15 -9.84 6.26 -7.74
CA LYS A 15 -10.07 4.92 -8.30
C LYS A 15 -8.83 4.35 -9.01
N TYR A 16 -7.79 5.17 -9.13
CA TYR A 16 -6.54 4.75 -9.80
C TYR A 16 -5.35 5.06 -8.91
N LEU A 17 -4.28 4.27 -9.06
CA LEU A 17 -3.02 4.45 -8.30
C LEU A 17 -2.36 5.81 -8.51
N LEU A 18 -2.45 6.33 -9.74
CA LEU A 18 -1.74 7.55 -10.16
C LEU A 18 -2.76 8.61 -10.50
N PRO A 19 -2.37 9.91 -10.40
CA PRO A 19 -3.30 10.88 -10.93
C PRO A 19 -3.26 10.82 -12.46
N GLU A 20 -4.22 11.52 -13.10
CA GLU A 20 -4.20 11.72 -14.54
C GLU A 20 -2.84 12.26 -14.97
N VAL A 21 -2.37 11.79 -16.11
CA VAL A 21 -1.07 12.22 -16.66
C VAL A 21 -1.03 13.75 -16.86
N THR A 22 0.07 14.36 -16.47
CA THR A 22 0.23 15.81 -16.59
C THR A 22 0.79 16.16 -17.96
N VAL A 23 0.86 17.45 -18.26
CA VAL A 23 1.33 18.01 -19.57
C VAL A 23 2.70 17.55 -20.04
N LEU A 24 3.68 17.65 -19.14
CA LEU A 24 5.09 17.41 -19.48
C LEU A 24 5.23 15.92 -19.78
N ASP A 25 4.23 15.13 -19.39
CA ASP A 25 4.24 13.68 -19.60
C ASP A 25 3.36 13.11 -20.74
N TYR A 26 2.53 13.92 -21.38
CA TYR A 26 1.77 13.46 -22.59
C TYR A 26 2.71 12.82 -23.63
N GLY A 27 2.28 11.71 -24.24
CA GLY A 27 3.14 11.02 -25.21
C GLY A 27 4.31 10.13 -24.68
N LYS A 28 4.34 9.89 -23.37
CA LYS A 28 5.50 9.19 -22.73
C LYS A 28 5.00 7.89 -22.21
N LYS A 29 5.73 6.80 -22.48
CA LYS A 29 5.48 5.54 -21.79
C LYS A 29 5.65 5.69 -20.25
N CYS A 30 4.88 4.92 -19.48
CA CYS A 30 4.99 4.91 -18.02
C CYS A 30 5.87 3.74 -17.58
N VAL A 31 6.95 4.05 -16.86
CA VAL A 31 7.87 3.00 -16.46
C VAL A 31 7.81 2.88 -14.97
N VAL A 32 7.38 1.69 -14.53
CA VAL A 32 7.22 1.35 -13.14
C VAL A 32 8.55 0.73 -12.68
N ILE A 33 9.20 1.36 -11.69
CA ILE A 33 10.51 0.87 -11.28
C ILE A 33 10.46 0.42 -9.83
N ASP A 34 10.98 -0.79 -9.58
CA ASP A 34 11.10 -1.29 -8.23
C ASP A 34 12.32 -0.67 -7.47
N LEU A 35 12.32 -0.80 -6.15
CA LEU A 35 13.43 -0.30 -5.31
C LEU A 35 14.38 -1.41 -4.87
N ASP A 36 13.91 -2.31 -4.01
CA ASP A 36 14.75 -3.26 -3.29
C ASP A 36 15.22 -4.40 -4.17
N GLU A 37 16.54 -4.50 -4.26
CA GLU A 37 17.27 -5.47 -5.12
C GLU A 37 17.16 -5.16 -6.61
N THR A 38 16.59 -4.00 -6.92
CA THR A 38 16.46 -3.50 -8.29
C THR A 38 17.41 -2.29 -8.44
N LEU A 39 17.23 -1.27 -7.58
CA LEU A 39 17.98 0.01 -7.66
C LEU A 39 18.99 0.07 -6.55
N VAL A 40 18.69 -0.62 -5.45
CA VAL A 40 19.53 -0.64 -4.24
C VAL A 40 19.43 -1.97 -3.54
N HIS A 41 20.36 -2.19 -2.62
CA HIS A 41 20.16 -3.21 -1.62
C HIS A 41 20.37 -2.68 -0.18
N SER A 42 19.37 -2.86 0.67
CA SER A 42 19.47 -2.43 2.07
C SER A 42 19.66 -3.59 3.08
N SER A 43 20.43 -3.35 4.15
CA SER A 43 20.47 -4.25 5.35
C SER A 43 20.51 -3.47 6.64
N PHE A 44 20.27 -4.19 7.72
CA PHE A 44 20.27 -3.65 9.05
C PHE A 44 21.58 -4.01 9.70
N LYS A 45 22.37 -4.82 9.01
CA LYS A 45 23.68 -5.23 9.40
C LYS A 45 24.67 -4.12 9.00
N PRO A 46 25.41 -3.58 10.00
CA PRO A 46 26.27 -2.44 9.65
C PRO A 46 27.39 -2.77 8.68
N ILE A 47 27.53 -1.91 7.68
CA ILE A 47 28.64 -2.01 6.76
C ILE A 47 29.33 -0.64 6.73
N SER A 48 30.65 -0.64 6.46
CA SER A 48 31.46 0.60 6.46
C SER A 48 31.33 1.44 5.16
N ASN A 49 30.99 0.76 4.07
CA ASN A 49 30.86 1.37 2.74
C ASN A 49 29.41 1.62 2.25
N ALA A 50 28.41 1.73 3.13
CA ALA A 50 27.07 2.14 2.71
C ALA A 50 27.03 3.47 1.94
N ASP A 51 26.01 3.59 1.08
CA ASP A 51 25.85 4.78 0.30
C ASP A 51 25.00 5.71 1.10
N PHE A 52 24.01 5.18 1.81
CA PHE A 52 23.14 5.96 2.68
C PHE A 52 22.98 5.20 3.96
N ILE A 53 22.81 5.96 5.04
CA ILE A 53 22.19 5.47 6.25
C ILE A 53 20.87 6.15 6.51
N VAL A 54 19.82 5.34 6.75
CA VAL A 54 18.49 5.85 7.00
C VAL A 54 17.91 5.30 8.33
N PRO A 55 17.58 6.20 9.29
CA PRO A 55 16.97 5.67 10.50
C PRO A 55 15.48 5.43 10.34
N VAL A 56 15.03 4.22 10.65
CA VAL A 56 13.59 3.91 10.53
C VAL A 56 13.03 3.49 11.88
N GLU A 57 12.05 4.25 12.36
CA GLU A 57 11.28 3.94 13.56
C GLU A 57 10.13 2.95 13.26
N ILE A 58 10.17 1.80 13.94
CA ILE A 58 9.18 0.71 13.90
C ILE A 58 8.82 0.41 15.35
N ASP A 59 7.52 0.44 15.66
CA ASP A 59 7.03 0.08 17.02
C ASP A 59 7.81 0.90 18.11
N GLY A 60 8.02 2.19 17.86
CA GLY A 60 8.70 3.09 18.79
C GLY A 60 10.24 3.03 18.86
N THR A 61 10.84 2.06 18.16
CA THR A 61 12.28 1.84 18.22
C THR A 61 12.99 2.05 16.86
N ILE A 62 14.17 2.68 16.93
CA ILE A 62 14.94 3.11 15.75
C ILE A 62 15.87 2.03 15.17
N HIS A 63 15.65 1.68 13.91
CA HIS A 63 16.56 0.81 13.21
C HIS A 63 17.36 1.65 12.20
N GLN A 64 18.68 1.52 12.21
CA GLN A 64 19.57 2.03 11.17
C GLN A 64 19.57 1.12 9.96
N VAL A 65 19.22 1.66 8.79
CA VAL A 65 19.24 0.88 7.57
C VAL A 65 20.42 1.31 6.70
N TYR A 66 21.20 0.35 6.26
CA TYR A 66 22.38 0.61 5.46
C TYR A 66 22.02 0.31 4.02
N VAL A 67 22.17 1.32 3.17
CA VAL A 67 21.78 1.27 1.73
C VAL A 67 22.99 1.32 0.79
N LEU A 68 23.11 0.31 -0.08
CA LEU A 68 24.09 0.28 -1.16
C LEU A 68 23.37 0.54 -2.49
N LYS A 69 23.98 1.38 -3.34
CA LYS A 69 23.44 1.71 -4.64
C LYS A 69 23.96 0.73 -5.68
N ARG A 70 23.06 0.20 -6.51
CA ARG A 70 23.46 -0.70 -7.59
C ARG A 70 24.32 0.13 -8.52
N PRO A 71 25.36 -0.44 -9.14
CA PRO A 71 26.12 0.38 -10.05
C PRO A 71 25.31 0.98 -11.13
N HIS A 72 25.66 2.23 -11.48
CA HIS A 72 25.06 2.98 -12.59
C HIS A 72 23.66 3.49 -12.37
N VAL A 73 23.16 3.43 -11.13
CA VAL A 73 21.79 3.83 -10.86
C VAL A 73 21.52 5.36 -11.19
N ASP A 74 22.46 6.23 -10.85
CA ASP A 74 22.35 7.66 -11.14
C ASP A 74 22.14 7.94 -12.62
N GLU A 75 23.03 7.41 -13.46
CA GLU A 75 22.96 7.56 -14.89
C GLU A 75 21.64 6.94 -15.45
N PHE A 76 21.32 5.75 -14.95
CA PHE A 76 20.06 5.13 -15.34
C PHE A 76 18.86 6.01 -15.01
N LEU A 77 18.74 6.46 -13.75
CA LEU A 77 17.56 7.26 -13.30
C LEU A 77 17.49 8.59 -14.07
N GLN A 78 18.67 9.20 -14.26
CA GLN A 78 18.75 10.47 -15.05
C GLN A 78 18.16 10.39 -16.47
N ARG A 79 18.56 9.37 -17.21
CA ARG A 79 18.06 9.17 -18.53
C ARG A 79 16.60 8.72 -18.55
N MET A 80 16.20 7.85 -17.62
CA MET A 80 14.77 7.46 -17.55
C MET A 80 13.90 8.67 -17.25
N GLY A 81 14.35 9.55 -16.34
CA GLY A 81 13.65 10.82 -16.04
C GLY A 81 13.48 11.74 -17.26
N GLN A 82 14.40 11.68 -18.24
CA GLN A 82 14.28 12.44 -19.48
C GLN A 82 13.28 11.87 -20.48
N LEU A 83 13.07 10.55 -20.45
CA LEU A 83 12.34 9.89 -21.51
C LEU A 83 10.92 9.46 -21.13
N PHE A 84 10.70 9.10 -19.87
CA PHE A 84 9.46 8.42 -19.46
C PHE A 84 8.77 9.13 -18.32
N GLU A 85 7.50 8.78 -18.10
CA GLU A 85 6.86 8.98 -16.82
C GLU A 85 7.28 7.83 -15.88
N CYS A 86 8.21 8.14 -14.97
CA CYS A 86 8.77 7.15 -14.04
C CYS A 86 8.03 7.07 -12.69
N VAL A 87 7.74 5.85 -12.30
CA VAL A 87 6.98 5.63 -11.08
C VAL A 87 7.75 4.61 -10.24
N LEU A 88 8.13 5.03 -9.02
CA LEU A 88 8.69 4.10 -8.07
C LEU A 88 7.55 3.30 -7.44
N PHE A 89 7.67 1.98 -7.45
CA PHE A 89 6.59 1.10 -6.99
C PHE A 89 7.23 -0.04 -6.24
N THR A 90 6.99 -0.06 -4.96
CA THR A 90 7.64 -1.00 -4.07
C THR A 90 6.60 -1.63 -3.14
N ALA A 91 6.79 -2.88 -2.73
CA ALA A 91 6.00 -3.50 -1.63
C ALA A 91 6.57 -3.21 -0.20
N SER A 92 7.69 -2.46 -0.17
CA SER A 92 8.29 -1.92 1.06
C SER A 92 7.54 -0.84 1.79
N LEU A 93 7.77 -0.78 3.10
CA LEU A 93 7.14 0.21 3.96
C LEU A 93 7.59 1.62 3.55
N ALA A 94 6.63 2.53 3.38
CA ALA A 94 6.94 3.89 2.93
C ALA A 94 7.87 4.60 3.92
N LYS A 95 7.73 4.33 5.21
CA LYS A 95 8.62 4.93 6.23
C LYS A 95 10.09 4.66 5.93
N TYR A 96 10.36 3.49 5.32
CA TYR A 96 11.70 3.09 4.84
C TYR A 96 11.99 3.63 3.41
N ALA A 97 11.08 3.33 2.47
CA ALA A 97 11.34 3.53 1.05
C ALA A 97 11.36 4.99 0.64
N ASP A 98 10.48 5.79 1.25
CA ASP A 98 10.38 7.20 0.96
C ASP A 98 11.68 8.00 1.26
N PRO A 99 12.20 7.92 2.49
CA PRO A 99 13.48 8.58 2.77
C PRO A 99 14.63 8.06 1.92
N VAL A 100 14.59 6.76 1.58
CA VAL A 100 15.57 6.23 0.64
C VAL A 100 15.44 6.91 -0.74
N ALA A 101 14.20 7.05 -1.25
CA ALA A 101 13.99 7.67 -2.55
C ALA A 101 14.42 9.16 -2.56
N ASP A 102 14.27 9.84 -1.42
CA ASP A 102 14.75 11.23 -1.21
C ASP A 102 16.28 11.36 -1.45
N LEU A 103 17.02 10.35 -1.03
CA LEU A 103 18.49 10.34 -1.16
C LEU A 103 18.92 9.87 -2.53
N LEU A 104 18.18 8.91 -3.07
CA LEU A 104 18.51 8.31 -4.37
C LEU A 104 18.08 9.19 -5.56
N ASP A 105 16.87 9.74 -5.46
CA ASP A 105 16.30 10.53 -6.54
C ASP A 105 16.57 11.97 -6.19
N ARG A 106 17.70 12.48 -6.62
CA ARG A 106 18.03 13.86 -6.29
C ARG A 106 17.58 14.83 -7.37
N TRP A 107 16.85 14.33 -8.37
CA TRP A 107 16.61 15.12 -9.55
C TRP A 107 15.14 15.20 -10.05
N GLY A 108 14.15 14.97 -9.18
CA GLY A 108 12.73 14.99 -9.62
C GLY A 108 12.42 13.96 -10.70
N VAL A 109 13.19 12.87 -10.78
CA VAL A 109 12.98 11.84 -11.81
C VAL A 109 11.63 11.11 -11.60
N PHE A 110 11.27 10.79 -10.37
CA PHE A 110 10.03 10.06 -10.12
C PHE A 110 8.84 11.00 -10.06
N ARG A 111 7.88 10.80 -10.98
CA ARG A 111 6.60 11.49 -11.00
C ARG A 111 5.74 11.10 -9.76
N ALA A 112 5.89 9.85 -9.34
CA ALA A 112 5.10 9.24 -8.26
C ALA A 112 5.87 8.13 -7.58
N ARG A 113 5.50 7.85 -6.33
CA ARG A 113 6.13 6.81 -5.52
C ARG A 113 5.00 6.08 -4.86
N LEU A 114 4.97 4.77 -5.06
CA LEU A 114 3.89 3.93 -4.57
C LEU A 114 4.59 2.86 -3.73
N PHE A 115 4.07 2.61 -2.54
CA PHE A 115 4.70 1.69 -1.61
C PHE A 115 3.74 0.54 -1.27
N ARG A 116 3.89 -0.02 -0.07
CA ARG A 116 3.07 -1.13 0.39
C ARG A 116 1.56 -0.92 0.18
N GLU A 117 1.07 0.31 0.44
CA GLU A 117 -0.37 0.63 0.33
C GLU A 117 -0.95 0.36 -1.07
N SER A 118 -0.07 0.31 -2.09
CA SER A 118 -0.50 0.15 -3.47
C SER A 118 -0.33 -1.29 -3.98
N CYS A 119 0.08 -2.21 -3.10
CA CYS A 119 0.32 -3.58 -3.46
C CYS A 119 -0.75 -4.44 -2.84
N VAL A 120 -1.08 -5.50 -3.55
CA VAL A 120 -2.14 -6.40 -3.12
C VAL A 120 -1.56 -7.77 -2.77
N PHE A 121 -2.02 -8.33 -1.66
CA PHE A 121 -1.53 -9.64 -1.20
C PHE A 121 -2.31 -10.72 -1.97
N HIS A 122 -1.55 -11.55 -2.66
CA HIS A 122 -2.16 -12.58 -3.46
C HIS A 122 -1.34 -13.87 -3.33
N ARG A 123 -1.91 -14.86 -2.64
CA ARG A 123 -1.30 -16.18 -2.59
C ARG A 123 0.17 -16.20 -2.16
N GLY A 124 0.48 -15.53 -1.04
CA GLY A 124 1.84 -15.45 -0.52
C GLY A 124 2.66 -14.25 -0.97
N ASN A 125 2.24 -13.61 -2.04
CA ASN A 125 3.06 -12.53 -2.62
C ASN A 125 2.35 -11.16 -2.66
N TYR A 126 3.15 -10.10 -2.71
CA TYR A 126 2.70 -8.74 -2.91
C TYR A 126 2.79 -8.33 -4.36
N VAL A 127 1.63 -8.15 -4.96
CA VAL A 127 1.52 -7.93 -6.39
C VAL A 127 1.33 -6.44 -6.70
N LYS A 128 2.00 -6.00 -7.75
CA LYS A 128 1.86 -4.69 -8.31
C LYS A 128 0.94 -4.83 -9.50
N ASP A 129 -0.35 -4.58 -9.26
CA ASP A 129 -1.37 -4.79 -10.32
C ASP A 129 -1.38 -3.60 -11.26
N LEU A 130 -0.74 -3.75 -12.42
CA LEU A 130 -0.51 -2.64 -13.33
C LEU A 130 -1.79 -2.07 -13.99
N SER A 131 -2.79 -2.93 -14.17
CA SER A 131 -4.14 -2.48 -14.61
C SER A 131 -4.79 -1.44 -13.65
N ARG A 132 -4.20 -1.21 -12.47
CA ARG A 132 -4.78 -0.26 -11.49
C ARG A 132 -4.14 1.10 -11.59
N LEU A 133 -3.04 1.20 -12.32
CA LEU A 133 -2.32 2.46 -12.45
C LEU A 133 -3.08 3.66 -13.03
N GLY A 134 -4.08 3.40 -13.89
CA GLY A 134 -4.73 4.42 -14.70
C GLY A 134 -3.90 4.76 -15.95
N ARG A 135 -3.21 3.77 -16.50
CA ARG A 135 -2.44 3.98 -17.76
C ARG A 135 -2.71 2.89 -18.81
N GLU A 136 -2.57 3.25 -20.08
CA GLU A 136 -2.65 2.28 -21.19
C GLU A 136 -1.65 1.15 -21.00
N LEU A 137 -2.10 -0.09 -20.87
CA LEU A 137 -1.15 -1.17 -20.52
C LEU A 137 -0.03 -1.45 -21.55
N SER A 138 -0.37 -1.37 -22.83
CA SER A 138 0.65 -1.43 -23.87
C SER A 138 1.63 -0.25 -23.75
N LYS A 139 1.31 0.76 -22.92
CA LYS A 139 2.24 1.88 -22.70
C LYS A 139 2.89 1.90 -21.27
N VAL A 140 2.87 0.75 -20.60
CA VAL A 140 3.50 0.58 -19.30
C VAL A 140 4.63 -0.48 -19.42
N ILE A 141 5.82 -0.17 -18.85
CA ILE A 141 6.91 -1.15 -18.64
C ILE A 141 7.29 -1.30 -17.16
N ILE A 142 7.57 -2.53 -16.75
CA ILE A 142 8.02 -2.73 -15.35
C ILE A 142 9.49 -3.19 -15.28
N VAL A 143 10.23 -2.50 -14.44
CA VAL A 143 11.65 -2.80 -14.16
C VAL A 143 11.69 -3.29 -12.71
N ASP A 144 11.78 -4.60 -12.51
CA ASP A 144 11.59 -5.20 -11.16
C ASP A 144 12.26 -6.58 -11.15
N ASN A 145 13.10 -6.80 -10.15
CA ASN A 145 13.80 -8.08 -9.91
C ASN A 145 12.93 -9.27 -9.49
N SER A 146 11.71 -9.02 -8.98
CA SER A 146 10.87 -10.10 -8.47
C SER A 146 9.73 -10.34 -9.45
N PRO A 147 9.81 -11.39 -10.30
CA PRO A 147 8.65 -11.78 -11.16
C PRO A 147 7.29 -11.94 -10.45
N ALA A 148 7.28 -12.32 -9.17
CA ALA A 148 6.07 -12.40 -8.33
C ALA A 148 5.34 -11.08 -8.21
N SER A 149 6.09 -9.94 -8.17
CA SER A 149 5.47 -8.61 -8.30
C SER A 149 4.64 -8.39 -9.54
N TYR A 150 5.05 -8.95 -10.68
CA TYR A 150 4.33 -8.66 -11.92
C TYR A 150 3.57 -9.89 -12.47
N ILE A 151 3.15 -10.78 -11.57
CA ILE A 151 2.49 -12.02 -11.93
C ILE A 151 1.30 -11.87 -12.92
N PHE A 152 0.57 -10.75 -12.83
CA PHE A 152 -0.57 -10.51 -13.70
C PHE A 152 -0.15 -9.91 -15.03
N HIS A 153 1.09 -9.39 -15.08
CA HIS A 153 1.57 -8.61 -16.23
C HIS A 153 3.00 -8.93 -16.67
N PRO A 154 3.31 -10.22 -16.89
CA PRO A 154 4.70 -10.60 -17.18
C PRO A 154 5.15 -10.18 -18.61
N GLU A 155 4.21 -9.94 -19.51
CA GLU A 155 4.46 -9.34 -20.82
C GLU A 155 5.00 -7.87 -20.80
N ASN A 156 4.77 -7.13 -19.71
CA ASN A 156 5.26 -5.76 -19.55
C ASN A 156 6.68 -5.68 -18.89
N ALA A 157 7.23 -6.82 -18.48
CA ALA A 157 8.45 -6.87 -17.68
C ALA A 157 9.72 -7.20 -18.47
N VAL A 158 10.74 -6.32 -18.41
CA VAL A 158 12.06 -6.68 -18.86
C VAL A 158 12.80 -7.42 -17.71
N PRO A 159 13.41 -8.60 -18.01
CA PRO A 159 14.01 -9.36 -16.91
C PRO A 159 15.15 -8.56 -16.26
N VAL A 160 15.07 -8.46 -14.93
CA VAL A 160 16.01 -7.75 -14.07
C VAL A 160 16.49 -8.71 -12.98
N GLN A 161 17.81 -8.85 -12.88
CA GLN A 161 18.39 -9.70 -11.85
C GLN A 161 18.46 -8.95 -10.52
N SER A 162 18.25 -9.70 -9.45
CA SER A 162 18.33 -9.22 -8.08
C SER A 162 19.75 -8.78 -7.82
N TRP A 163 19.89 -7.62 -7.19
CA TRP A 163 21.19 -7.10 -6.90
C TRP A 163 21.38 -6.87 -5.40
N PHE A 164 22.52 -7.33 -4.89
CA PHE A 164 22.86 -7.23 -3.47
C PHE A 164 24.13 -6.38 -3.25
N ASP A 165 25.24 -6.67 -3.91
CA ASP A 165 26.50 -5.94 -3.62
C ASP A 165 27.56 -6.04 -4.70
N ASP A 166 27.25 -6.75 -5.77
CA ASP A 166 28.21 -6.99 -6.83
C ASP A 166 28.49 -5.75 -7.67
N MET A 167 29.67 -5.17 -7.46
CA MET A 167 30.07 -3.90 -8.08
C MET A 167 30.45 -4.03 -9.54
N THR A 168 30.50 -5.25 -10.05
CA THR A 168 30.73 -5.46 -11.47
C THR A 168 29.40 -5.52 -12.26
N ASP A 169 28.28 -5.45 -11.56
CA ASP A 169 26.99 -5.44 -12.22
C ASP A 169 26.84 -4.25 -13.19
N THR A 170 26.30 -4.54 -14.38
CA THR A 170 26.04 -3.48 -15.36
C THR A 170 24.61 -3.48 -15.93
N GLU A 171 23.70 -4.22 -15.32
CA GLU A 171 22.35 -4.26 -15.84
C GLU A 171 21.67 -2.90 -16.01
N LEU A 172 21.82 -1.98 -15.06
CA LEU A 172 21.21 -0.62 -15.26
C LEU A 172 21.83 0.19 -16.39
N LEU A 173 23.13 0.03 -16.63
CA LEU A 173 23.76 0.68 -17.76
C LEU A 173 23.25 0.08 -19.08
N ASP A 174 23.09 -1.26 -19.13
CA ASP A 174 22.62 -2.00 -20.31
C ASP A 174 21.16 -1.70 -20.59
N LEU A 175 20.38 -1.47 -19.54
CA LEU A 175 19.01 -0.93 -19.70
C LEU A 175 18.85 0.41 -20.45
N ILE A 176 19.86 1.30 -20.37
CA ILE A 176 19.77 2.58 -21.06
C ILE A 176 19.49 2.49 -22.59
N PRO A 177 20.37 1.83 -23.42
CA PRO A 177 20.04 1.72 -24.87
C PRO A 177 18.81 0.93 -25.16
N PHE A 178 18.48 -0.05 -24.33
CA PHE A 178 17.22 -0.73 -24.51
C PHE A 178 16.05 0.27 -24.45
N PHE A 179 16.04 1.08 -23.38
CA PHE A 179 14.95 2.05 -23.18
C PHE A 179 14.96 3.21 -24.17
N GLU A 180 16.16 3.65 -24.58
CA GLU A 180 16.31 4.65 -25.67
C GLU A 180 15.69 4.14 -26.97
N GLY A 181 16.09 2.94 -27.39
CA GLY A 181 15.49 2.31 -28.57
C GLY A 181 13.98 2.15 -28.58
N LEU A 182 13.38 1.92 -27.40
CA LEU A 182 11.93 1.85 -27.34
C LEU A 182 11.25 3.17 -27.01
N SER A 183 12.05 4.18 -26.66
CA SER A 183 11.61 5.56 -26.73
C SER A 183 11.50 5.90 -28.23
N ARG A 184 12.39 5.28 -29.01
CA ARG A 184 12.50 5.35 -30.48
C ARG A 184 13.19 6.63 -30.92
N VAL B 6 -13.89 19.58 45.98
CA VAL B 6 -13.48 20.13 44.64
C VAL B 6 -14.63 20.96 43.99
N ILE B 7 -14.66 21.03 42.65
CA ILE B 7 -15.66 21.84 41.92
C ILE B 7 -16.63 20.86 41.29
N PRO B 8 -17.92 21.27 41.07
CA PRO B 8 -18.87 20.35 40.41
C PRO B 8 -18.59 20.13 38.91
N ILE B 9 -17.38 20.48 38.46
CA ILE B 9 -16.98 20.35 37.04
C ILE B 9 -16.67 18.91 36.48
N PRO B 10 -17.33 18.54 35.36
CA PRO B 10 -17.38 17.13 34.86
C PRO B 10 -16.03 16.54 34.43
N SER B 11 -15.86 15.23 34.65
CA SER B 11 -14.61 14.51 34.27
C SER B 11 -14.44 14.54 32.77
N PRO B 12 -13.19 14.41 32.25
CA PRO B 12 -13.01 14.34 30.79
C PRO B 12 -13.40 12.94 30.32
N PRO B 13 -13.52 12.75 28.97
CA PRO B 13 -13.73 11.41 28.41
C PRO B 13 -12.76 10.36 28.99
N ALA B 14 -13.18 9.09 28.98
CA ALA B 14 -12.32 7.94 29.27
C ALA B 14 -10.99 8.05 28.51
N LYS B 15 -9.89 7.66 29.16
CA LYS B 15 -8.55 7.68 28.54
C LYS B 15 -8.54 6.91 27.24
N TYR B 16 -9.19 5.75 27.24
CA TYR B 16 -9.11 4.84 26.08
C TYR B 16 -10.43 4.67 25.37
N LEU B 17 -10.33 4.45 24.06
CA LEU B 17 -11.48 4.33 23.20
C LEU B 17 -12.24 3.01 23.35
N LEU B 18 -11.56 1.96 23.78
CA LEU B 18 -12.14 0.65 24.00
C LEU B 18 -12.26 0.34 25.49
N PRO B 19 -13.28 -0.45 25.88
CA PRO B 19 -13.31 -0.95 27.29
C PRO B 19 -12.17 -1.94 27.45
N GLU B 20 -11.85 -2.38 28.71
CA GLU B 20 -10.85 -3.47 28.92
C GLU B 20 -11.24 -4.71 28.10
N VAL B 21 -10.25 -5.45 27.60
CA VAL B 21 -10.46 -6.67 26.83
C VAL B 21 -11.28 -7.71 27.64
N THR B 22 -12.20 -8.41 26.95
CA THR B 22 -13.04 -9.38 27.64
C THR B 22 -12.16 -10.60 27.96
N VAL B 23 -12.53 -11.40 28.98
CA VAL B 23 -11.86 -12.72 29.22
C VAL B 23 -11.70 -13.59 27.97
N LEU B 24 -12.80 -13.76 27.24
CA LEU B 24 -12.79 -14.51 25.98
C LEU B 24 -11.81 -13.96 24.89
N ASP B 25 -11.55 -12.65 24.88
CA ASP B 25 -10.65 -12.05 23.85
C ASP B 25 -9.23 -11.84 24.36
N TYR B 26 -9.04 -12.07 25.66
CA TYR B 26 -7.72 -11.81 26.29
C TYR B 26 -6.57 -12.46 25.48
N GLY B 27 -5.53 -11.69 25.23
CA GLY B 27 -4.42 -12.26 24.44
C GLY B 27 -4.67 -12.43 22.94
N LYS B 28 -5.81 -11.95 22.41
CA LYS B 28 -5.99 -11.92 20.94
C LYS B 28 -5.42 -10.60 20.40
N LYS B 29 -4.88 -10.64 19.18
CA LYS B 29 -4.60 -9.40 18.45
C LYS B 29 -5.89 -8.61 18.23
N CYS B 30 -5.77 -7.29 18.33
CA CYS B 30 -6.88 -6.40 18.06
C CYS B 30 -6.76 -5.92 16.60
N VAL B 31 -7.81 -6.22 15.81
CA VAL B 31 -7.86 -5.81 14.43
C VAL B 31 -8.95 -4.76 14.22
N VAL B 32 -8.47 -3.56 13.82
CA VAL B 32 -9.30 -2.43 13.58
C VAL B 32 -9.60 -2.46 12.05
N ILE B 33 -10.88 -2.37 11.70
CA ILE B 33 -11.31 -2.57 10.30
C ILE B 33 -12.12 -1.36 9.91
N ASP B 34 -11.77 -0.75 8.77
CA ASP B 34 -12.51 0.37 8.24
C ASP B 34 -13.84 -0.12 7.60
N LEU B 35 -14.78 0.82 7.41
CA LEU B 35 -16.01 0.51 6.68
C LEU B 35 -15.96 0.86 5.19
N ASP B 36 -15.92 2.15 4.90
CA ASP B 36 -16.19 2.62 3.54
C ASP B 36 -15.05 2.35 2.61
N GLU B 37 -15.40 1.65 1.53
CA GLU B 37 -14.52 1.22 0.45
C GLU B 37 -13.54 0.14 0.96
N THR B 38 -13.71 -0.28 2.21
CA THR B 38 -12.98 -1.44 2.72
C THR B 38 -13.88 -2.71 2.69
N LEU B 39 -15.03 -2.63 3.36
CA LEU B 39 -15.97 -3.76 3.47
C LEU B 39 -17.20 -3.57 2.62
N VAL B 40 -17.61 -2.30 2.43
CA VAL B 40 -18.81 -1.97 1.63
C VAL B 40 -18.52 -0.68 0.81
N HIS B 41 -19.38 -0.41 -0.17
CA HIS B 41 -19.39 0.89 -0.89
C HIS B 41 -20.82 1.34 -0.96
N SER B 42 -21.06 2.54 -0.46
CA SER B 42 -22.39 3.13 -0.40
C SER B 42 -22.51 4.33 -1.36
N SER B 43 -23.75 4.64 -1.72
CA SER B 43 -24.04 5.70 -2.71
C SER B 43 -25.46 6.20 -2.48
N PHE B 44 -25.69 7.51 -2.71
CA PHE B 44 -27.02 8.12 -2.94
C PHE B 44 -27.75 7.75 -4.26
N LYS B 45 -27.00 7.22 -5.23
CA LYS B 45 -27.55 6.86 -6.54
C LYS B 45 -28.22 5.45 -6.56
N PRO B 46 -29.55 5.41 -6.86
CA PRO B 46 -30.34 4.18 -6.72
C PRO B 46 -29.92 3.05 -7.66
N ILE B 47 -29.72 1.88 -7.07
CA ILE B 47 -29.44 0.67 -7.85
C ILE B 47 -30.42 -0.40 -7.42
N SER B 48 -30.83 -1.26 -8.37
CA SER B 48 -31.76 -2.37 -8.06
C SER B 48 -31.13 -3.54 -7.26
N ASN B 49 -29.81 -3.72 -7.39
CA ASN B 49 -29.05 -4.81 -6.74
C ASN B 49 -28.33 -4.47 -5.41
N ALA B 50 -28.68 -3.35 -4.76
CA ALA B 50 -28.09 -3.03 -3.44
C ALA B 50 -28.25 -4.21 -2.47
N ASP B 51 -27.27 -4.37 -1.60
CA ASP B 51 -27.37 -5.39 -0.55
C ASP B 51 -28.22 -4.86 0.58
N PHE B 52 -28.09 -3.55 0.86
CA PHE B 52 -28.80 -2.91 1.96
C PHE B 52 -29.26 -1.57 1.51
N ILE B 53 -30.40 -1.11 2.05
CA ILE B 53 -30.81 0.29 1.96
C ILE B 53 -30.97 0.82 3.35
N VAL B 54 -30.32 1.95 3.59
CA VAL B 54 -30.35 2.69 4.86
C VAL B 54 -30.79 4.18 4.63
N PRO B 55 -31.90 4.59 5.29
CA PRO B 55 -32.44 5.94 5.25
C PRO B 55 -31.69 6.81 6.22
N VAL B 56 -31.05 7.84 5.72
CA VAL B 56 -30.18 8.67 6.57
C VAL B 56 -30.65 10.12 6.54
N GLU B 57 -30.94 10.66 7.73
CA GLU B 57 -31.37 12.03 7.86
C GLU B 57 -30.20 12.98 7.71
N ILE B 58 -30.19 13.73 6.62
CA ILE B 58 -29.15 14.75 6.47
C ILE B 58 -29.83 16.11 6.39
N ASP B 59 -29.62 16.86 7.48
CA ASP B 59 -30.13 18.23 7.70
C ASP B 59 -31.67 18.31 7.64
N GLY B 60 -32.33 17.47 8.45
CA GLY B 60 -33.79 17.37 8.51
C GLY B 60 -34.42 16.53 7.42
N THR B 61 -33.62 16.17 6.41
CA THR B 61 -34.17 15.49 5.23
C THR B 61 -33.61 14.05 5.03
N ILE B 62 -34.50 13.10 4.75
CA ILE B 62 -34.09 11.70 4.65
C ILE B 62 -33.63 11.32 3.25
N HIS B 63 -32.38 10.86 3.14
CA HIS B 63 -31.85 10.31 1.89
C HIS B 63 -31.70 8.79 2.03
N GLN B 64 -32.07 8.06 0.99
CA GLN B 64 -31.85 6.62 0.94
C GLN B 64 -30.39 6.35 0.58
N VAL B 65 -29.73 5.46 1.29
CA VAL B 65 -28.34 5.10 0.96
C VAL B 65 -28.32 3.66 0.52
N TYR B 66 -27.69 3.40 -0.63
CA TYR B 66 -27.65 2.10 -1.27
C TYR B 66 -26.27 1.49 -1.03
N VAL B 67 -26.26 0.32 -0.44
CA VAL B 67 -25.01 -0.31 0.02
C VAL B 67 -24.72 -1.62 -0.66
N LEU B 68 -23.54 -1.70 -1.27
CA LEU B 68 -23.03 -2.95 -1.82
C LEU B 68 -21.98 -3.54 -0.89
N LYS B 69 -22.08 -4.85 -0.68
CA LYS B 69 -21.09 -5.64 0.06
C LYS B 69 -19.93 -5.97 -0.90
N ARG B 70 -18.68 -5.81 -0.43
CA ARG B 70 -17.54 -6.27 -1.20
C ARG B 70 -17.63 -7.76 -1.23
N PRO B 71 -17.23 -8.40 -2.37
CA PRO B 71 -17.20 -9.84 -2.46
C PRO B 71 -16.48 -10.51 -1.29
N HIS B 72 -17.07 -11.63 -0.83
CA HIS B 72 -16.52 -12.47 0.26
C HIS B 72 -16.45 -11.80 1.63
N VAL B 73 -17.18 -10.71 1.86
CA VAL B 73 -17.10 -9.99 3.11
C VAL B 73 -17.62 -10.80 4.32
N ASP B 74 -18.68 -11.59 4.11
CA ASP B 74 -19.17 -12.52 5.13
C ASP B 74 -18.12 -13.51 5.62
N GLU B 75 -17.49 -14.23 4.72
CA GLU B 75 -16.54 -15.26 5.06
C GLU B 75 -15.31 -14.56 5.67
N PHE B 76 -14.97 -13.39 5.13
CA PHE B 76 -13.87 -12.60 5.72
C PHE B 76 -14.12 -12.28 7.19
N LEU B 77 -15.24 -11.63 7.49
CA LEU B 77 -15.61 -11.21 8.85
C LEU B 77 -15.84 -12.36 9.78
N GLN B 78 -16.51 -13.39 9.29
CA GLN B 78 -16.60 -14.66 10.09
C GLN B 78 -15.20 -15.20 10.50
N ARG B 79 -14.26 -15.29 9.58
CA ARG B 79 -12.92 -15.80 9.97
C ARG B 79 -12.16 -14.88 10.96
N MET B 80 -12.17 -13.59 10.66
CA MET B 80 -11.60 -12.57 11.57
C MET B 80 -12.26 -12.62 12.94
N GLY B 81 -13.60 -12.81 12.97
CA GLY B 81 -14.39 -12.92 14.21
C GLY B 81 -13.95 -14.09 15.07
N GLN B 82 -13.42 -15.13 14.44
CA GLN B 82 -12.89 -16.28 15.12
C GLN B 82 -11.50 -16.05 15.69
N LEU B 83 -10.66 -15.30 15.00
CA LEU B 83 -9.28 -15.22 15.36
C LEU B 83 -8.89 -14.03 16.23
N PHE B 84 -9.56 -12.91 16.02
CA PHE B 84 -9.10 -11.67 16.63
C PHE B 84 -10.21 -10.96 17.39
N GLU B 85 -9.78 -9.97 18.16
CA GLU B 85 -10.68 -8.99 18.72
C GLU B 85 -10.94 -7.90 17.69
N CYS B 86 -12.04 -8.02 16.96
CA CYS B 86 -12.38 -7.05 15.88
C CYS B 86 -13.12 -5.80 16.30
N VAL B 87 -12.65 -4.69 15.78
CA VAL B 87 -13.16 -3.38 16.13
C VAL B 87 -13.51 -2.63 14.79
N LEU B 88 -14.73 -2.14 14.67
CA LEU B 88 -15.06 -1.28 13.54
C LEU B 88 -14.67 0.16 13.87
N PHE B 89 -13.93 0.81 12.97
CA PHE B 89 -13.51 2.19 13.20
C PHE B 89 -13.57 2.92 11.87
N THR B 90 -14.55 3.82 11.79
CA THR B 90 -14.84 4.58 10.59
C THR B 90 -14.76 6.11 10.88
N ALA B 91 -14.39 6.89 9.89
CA ALA B 91 -14.58 8.35 10.00
C ALA B 91 -15.98 8.84 9.61
N SER B 92 -16.86 7.91 9.25
CA SER B 92 -18.27 8.22 9.07
C SER B 92 -19.00 8.47 10.37
N LEU B 93 -20.23 9.00 10.25
CA LEU B 93 -21.12 9.23 11.37
C LEU B 93 -21.91 7.98 11.70
N ALA B 94 -22.24 7.80 12.99
CA ALA B 94 -22.97 6.60 13.52
C ALA B 94 -24.34 6.44 12.88
N LYS B 95 -24.97 7.59 12.53
CA LYS B 95 -26.32 7.56 12.00
C LYS B 95 -26.36 6.86 10.65
N TYR B 96 -25.21 6.90 9.95
CA TYR B 96 -24.99 6.06 8.76
C TYR B 96 -24.37 4.67 9.08
N ALA B 97 -23.21 4.70 9.76
CA ALA B 97 -22.40 3.52 9.99
C ALA B 97 -23.04 2.45 10.90
N ASP B 98 -23.80 2.85 11.93
CA ASP B 98 -24.46 1.86 12.85
C ASP B 98 -25.48 0.97 12.13
N PRO B 99 -26.43 1.59 11.37
CA PRO B 99 -27.34 0.71 10.61
C PRO B 99 -26.61 -0.19 9.61
N VAL B 100 -25.62 0.31 8.83
CA VAL B 100 -24.83 -0.58 7.94
C VAL B 100 -24.12 -1.71 8.74
N ALA B 101 -23.54 -1.34 9.88
CA ALA B 101 -22.90 -2.35 10.72
C ALA B 101 -23.87 -3.43 11.25
N ASP B 102 -25.12 -3.04 11.57
CA ASP B 102 -26.15 -3.95 12.07
C ASP B 102 -26.47 -4.96 10.98
N LEU B 103 -26.52 -4.50 9.75
CA LEU B 103 -26.89 -5.31 8.60
C LEU B 103 -25.76 -6.17 8.13
N LEU B 104 -24.52 -5.63 8.13
CA LEU B 104 -23.33 -6.38 7.75
C LEU B 104 -22.84 -7.41 8.81
N ASP B 105 -22.82 -6.99 10.07
CA ASP B 105 -22.29 -7.86 11.10
C ASP B 105 -23.46 -8.45 11.88
N ARG B 106 -23.94 -9.58 11.37
CA ARG B 106 -25.08 -10.26 11.97
C ARG B 106 -24.70 -11.16 13.11
N TRP B 107 -23.41 -11.32 13.36
CA TRP B 107 -22.93 -12.36 14.31
C TRP B 107 -22.15 -11.81 15.56
N GLY B 108 -22.14 -10.51 15.77
CA GLY B 108 -21.35 -9.93 16.90
C GLY B 108 -19.82 -10.06 16.71
N VAL B 109 -19.33 -10.07 15.47
CA VAL B 109 -17.89 -10.06 15.13
C VAL B 109 -17.22 -8.80 15.70
N PHE B 110 -17.82 -7.64 15.52
CA PHE B 110 -17.25 -6.40 16.06
C PHE B 110 -17.54 -6.27 17.55
N ARG B 111 -16.48 -6.17 18.34
CA ARG B 111 -16.61 -6.02 19.79
C ARG B 111 -16.94 -4.56 20.10
N ALA B 112 -16.58 -3.67 19.19
CA ALA B 112 -16.79 -2.25 19.39
C ALA B 112 -16.92 -1.59 18.05
N ARG B 113 -17.59 -0.45 18.03
CA ARG B 113 -17.77 0.41 16.84
C ARG B 113 -17.38 1.82 17.20
N LEU B 114 -16.45 2.41 16.43
CA LEU B 114 -15.98 3.78 16.69
C LEU B 114 -16.18 4.59 15.45
N PHE B 115 -16.62 5.84 15.64
CA PHE B 115 -17.07 6.71 14.57
C PHE B 115 -16.17 7.93 14.50
N ARG B 116 -16.56 8.90 13.67
CA ARG B 116 -15.74 10.09 13.36
C ARG B 116 -15.16 10.76 14.61
N GLU B 117 -15.95 10.78 15.67
CA GLU B 117 -15.64 11.56 16.88
C GLU B 117 -14.50 10.87 17.66
N SER B 118 -14.19 9.61 17.34
CA SER B 118 -13.05 8.94 17.94
C SER B 118 -11.73 9.14 17.13
N CYS B 119 -11.84 9.67 15.90
CA CYS B 119 -10.69 10.09 15.10
C CYS B 119 -10.00 11.32 15.70
N VAL B 120 -8.72 11.44 15.38
CA VAL B 120 -7.88 12.62 15.63
C VAL B 120 -7.88 13.37 14.31
N PHE B 121 -8.31 14.63 14.37
CA PHE B 121 -8.57 15.43 13.17
C PHE B 121 -7.35 15.50 12.24
N HIS B 122 -6.22 15.93 12.80
CA HIS B 122 -4.92 15.92 12.14
C HIS B 122 -4.97 16.58 10.78
N ARG B 123 -5.25 17.89 10.85
CA ARG B 123 -5.47 18.75 9.69
C ARG B 123 -6.30 18.18 8.53
N GLY B 124 -7.42 17.52 8.86
CA GLY B 124 -8.37 16.99 7.85
C GLY B 124 -8.20 15.52 7.52
N ASN B 125 -7.22 14.85 8.13
CA ASN B 125 -6.88 13.44 7.77
C ASN B 125 -7.70 12.35 8.51
N TYR B 126 -8.37 12.73 9.60
CA TYR B 126 -9.18 11.82 10.44
C TYR B 126 -8.46 10.51 10.71
N VAL B 127 -7.42 10.67 11.52
CA VAL B 127 -6.50 9.62 11.77
C VAL B 127 -7.14 8.73 12.85
N LYS B 128 -6.97 7.44 12.67
CA LYS B 128 -7.30 6.45 13.64
C LYS B 128 -6.00 6.16 14.38
N ASP B 129 -5.88 6.90 15.49
CA ASP B 129 -4.72 6.81 16.36
C ASP B 129 -4.76 5.57 17.22
N LEU B 130 -3.95 4.58 16.87
CA LEU B 130 -4.01 3.27 17.50
C LEU B 130 -3.53 3.22 18.94
N SER B 131 -2.79 4.26 19.36
CA SER B 131 -2.29 4.36 20.74
C SER B 131 -3.41 4.76 21.70
N ARG B 132 -4.52 5.26 21.16
CA ARG B 132 -5.66 5.72 21.96
C ARG B 132 -6.69 4.59 22.28
N LEU B 133 -6.43 3.38 21.78
CA LEU B 133 -7.31 2.22 21.95
C LEU B 133 -7.27 1.56 23.33
N GLY B 134 -6.15 1.62 24.05
CA GLY B 134 -6.02 0.80 25.27
C GLY B 134 -5.59 -0.64 25.01
N ARG B 135 -4.74 -0.81 24.00
CA ARG B 135 -4.22 -2.12 23.62
C ARG B 135 -2.72 -1.97 23.31
N GLU B 136 -1.96 -3.03 23.55
CA GLU B 136 -0.55 -3.15 23.17
C GLU B 136 -0.43 -2.90 21.65
N LEU B 137 0.33 -1.87 21.29
CA LEU B 137 0.47 -1.43 19.91
C LEU B 137 1.02 -2.50 18.98
N SER B 138 1.95 -3.30 19.51
CA SER B 138 2.51 -4.43 18.78
C SER B 138 1.47 -5.53 18.45
N LYS B 139 0.36 -5.58 19.20
CA LYS B 139 -0.71 -6.55 18.96
C LYS B 139 -2.01 -5.88 18.41
N VAL B 140 -1.84 -4.80 17.62
CA VAL B 140 -2.93 -4.06 16.93
C VAL B 140 -2.59 -4.03 15.43
N ILE B 141 -3.60 -4.37 14.63
CA ILE B 141 -3.50 -4.29 13.13
C ILE B 141 -4.67 -3.43 12.63
N ILE B 142 -4.42 -2.57 11.64
CA ILE B 142 -5.51 -1.83 11.04
C ILE B 142 -5.70 -2.26 9.58
N VAL B 143 -6.94 -2.52 9.18
CA VAL B 143 -7.32 -2.86 7.78
C VAL B 143 -8.14 -1.67 7.25
N ASP B 144 -7.62 -1.01 6.21
CA ASP B 144 -8.08 0.30 5.75
C ASP B 144 -7.59 0.55 4.32
N ASN B 145 -8.48 1.11 3.50
CA ASN B 145 -8.20 1.48 2.11
C ASN B 145 -7.54 2.87 1.98
N SER B 146 -7.47 3.62 3.08
CA SER B 146 -6.98 5.00 3.05
C SER B 146 -5.78 5.16 4.00
N PRO B 147 -4.58 5.32 3.43
CA PRO B 147 -3.39 5.52 4.27
C PRO B 147 -3.50 6.70 5.25
N ALA B 148 -4.31 7.71 4.92
CA ALA B 148 -4.45 8.89 5.80
C ALA B 148 -4.98 8.47 7.19
N SER B 149 -5.85 7.46 7.20
CA SER B 149 -6.41 6.97 8.45
C SER B 149 -5.36 6.40 9.35
N TYR B 150 -4.24 5.92 8.84
CA TYR B 150 -3.25 5.35 9.76
C TYR B 150 -1.90 6.05 9.75
N ILE B 151 -1.94 7.36 9.55
CA ILE B 151 -0.71 8.17 9.46
C ILE B 151 0.31 7.85 10.53
N PHE B 152 -0.16 7.65 11.76
CA PHE B 152 0.71 7.54 12.92
C PHE B 152 1.27 6.15 13.03
N HIS B 153 0.57 5.17 12.44
CA HIS B 153 0.95 3.75 12.65
C HIS B 153 0.98 2.92 11.36
N PRO B 154 1.68 3.37 10.28
CA PRO B 154 1.65 2.62 8.99
C PRO B 154 2.17 1.18 9.03
N GLU B 155 3.13 0.92 9.94
CA GLU B 155 3.65 -0.43 10.12
C GLU B 155 2.65 -1.42 10.76
N ASN B 156 1.58 -0.90 11.36
CA ASN B 156 0.49 -1.71 11.87
C ASN B 156 -0.57 -2.03 10.78
N ALA B 157 -0.40 -1.51 9.56
CA ALA B 157 -1.45 -1.57 8.52
C ALA B 157 -1.37 -2.78 7.66
N VAL B 158 -2.53 -3.37 7.34
CA VAL B 158 -2.67 -4.37 6.27
C VAL B 158 -3.62 -3.61 5.35
N PRO B 159 -3.09 -3.03 4.28
CA PRO B 159 -4.01 -2.28 3.42
C PRO B 159 -4.91 -3.17 2.59
N VAL B 160 -5.98 -2.55 2.09
CA VAL B 160 -6.72 -3.06 0.96
C VAL B 160 -6.79 -1.91 -0.06
N GLN B 161 -7.05 -2.27 -1.29
CA GLN B 161 -7.45 -1.32 -2.31
C GLN B 161 -8.89 -0.93 -2.07
N SER B 162 -9.19 0.34 -2.33
CA SER B 162 -10.54 0.87 -2.28
C SER B 162 -11.44 0.06 -3.22
N TRP B 163 -12.58 -0.31 -2.70
CA TRP B 163 -13.51 -1.12 -3.46
C TRP B 163 -14.79 -0.27 -3.64
N PHE B 164 -15.34 -0.31 -4.86
CA PHE B 164 -16.57 0.38 -5.24
C PHE B 164 -17.69 -0.58 -5.71
N ASP B 165 -17.48 -1.35 -6.77
CA ASP B 165 -18.54 -2.22 -7.27
C ASP B 165 -18.00 -3.42 -8.02
N ASP B 166 -16.70 -3.61 -8.03
CA ASP B 166 -16.15 -4.67 -8.87
C ASP B 166 -16.41 -6.06 -8.26
N MET B 167 -17.31 -6.84 -8.87
CA MET B 167 -17.79 -8.11 -8.27
C MET B 167 -16.82 -9.24 -8.46
N THR B 168 -15.78 -8.96 -9.24
CA THR B 168 -14.70 -9.91 -9.42
C THR B 168 -13.62 -9.79 -8.33
N ASP B 169 -13.76 -8.82 -7.43
CA ASP B 169 -12.80 -8.60 -6.34
C ASP B 169 -12.71 -9.83 -5.39
N THR B 170 -11.47 -10.22 -5.09
CA THR B 170 -11.15 -11.32 -4.15
C THR B 170 -10.23 -10.85 -3.04
N GLU B 171 -9.96 -9.54 -2.93
CA GLU B 171 -8.91 -9.15 -2.02
C GLU B 171 -9.11 -9.57 -0.53
N LEU B 172 -10.36 -9.53 -0.01
CA LEU B 172 -10.73 -10.01 1.36
C LEU B 172 -10.62 -11.52 1.53
N LEU B 173 -11.08 -12.28 0.54
CA LEU B 173 -10.87 -13.71 0.50
C LEU B 173 -9.36 -14.01 0.59
N ASP B 174 -8.54 -13.30 -0.21
CA ASP B 174 -7.10 -13.60 -0.30
C ASP B 174 -6.35 -13.22 1.00
N LEU B 175 -6.97 -12.40 1.85
CA LEU B 175 -6.34 -11.92 3.10
C LEU B 175 -6.55 -12.94 4.20
N ILE B 176 -7.58 -13.77 4.03
CA ILE B 176 -7.85 -14.83 5.02
C ILE B 176 -6.59 -15.69 5.36
N PRO B 177 -5.88 -16.25 4.34
CA PRO B 177 -4.66 -16.98 4.74
C PRO B 177 -3.55 -16.07 5.36
N PHE B 178 -3.45 -14.83 4.91
CA PHE B 178 -2.51 -13.92 5.53
C PHE B 178 -2.77 -13.84 7.05
N PHE B 179 -4.05 -13.70 7.42
CA PHE B 179 -4.44 -13.52 8.79
C PHE B 179 -4.37 -14.83 9.56
N GLU B 180 -4.70 -15.96 8.92
CA GLU B 180 -4.52 -17.30 9.54
C GLU B 180 -3.05 -17.50 9.97
N GLY B 181 -2.11 -17.23 9.04
CA GLY B 181 -0.67 -17.13 9.33
C GLY B 181 -0.33 -16.18 10.49
N LEU B 182 -0.99 -15.04 10.56
CA LEU B 182 -0.70 -14.03 11.59
C LEU B 182 -1.14 -14.43 12.99
N SER B 183 -2.34 -15.04 13.12
CA SER B 183 -2.86 -15.54 14.41
C SER B 183 -2.01 -16.69 15.01
N ARG B 184 -1.24 -17.37 14.16
CA ARG B 184 -0.52 -18.56 14.59
C ARG B 184 0.99 -18.51 14.21
N LEU C 3 63.49 20.80 0.73
CA LEU C 3 62.82 20.16 1.93
C LEU C 3 61.31 20.00 1.77
N ARG C 4 60.68 20.89 1.00
CA ARG C 4 59.24 20.82 0.69
C ARG C 4 58.80 19.59 -0.09
N GLN C 5 59.71 19.02 -0.87
CA GLN C 5 59.40 17.78 -1.60
C GLN C 5 59.81 16.52 -0.80
N VAL C 6 60.39 16.75 0.39
CA VAL C 6 60.64 15.71 1.39
C VAL C 6 59.58 15.79 2.52
N ILE C 7 59.35 17.02 2.98
CA ILE C 7 58.40 17.35 4.05
C ILE C 7 57.39 18.36 3.47
N PRO C 8 56.20 17.87 3.04
CA PRO C 8 55.19 18.73 2.39
C PRO C 8 54.51 19.65 3.42
N ILE C 9 54.60 20.96 3.22
CA ILE C 9 53.87 21.86 4.12
C ILE C 9 53.15 22.96 3.32
N PRO C 10 51.81 23.10 3.54
CA PRO C 10 51.09 24.31 3.10
C PRO C 10 51.46 25.45 4.04
N SER C 11 52.14 26.47 3.49
CA SER C 11 52.66 27.60 4.28
C SER C 11 51.77 28.89 4.27
N PRO C 12 50.58 28.86 3.61
CA PRO C 12 49.85 30.14 3.66
C PRO C 12 48.68 30.22 4.68
N PRO C 13 48.95 30.07 6.01
CA PRO C 13 47.89 30.57 6.89
C PRO C 13 47.92 32.11 6.90
N ALA C 14 46.73 32.72 6.91
CA ALA C 14 46.61 34.17 7.01
C ALA C 14 47.01 34.52 8.42
N LYS C 15 47.41 35.77 8.64
CA LYS C 15 47.69 36.24 10.00
C LYS C 15 46.42 36.12 10.87
N TYR C 16 45.29 36.45 10.26
CA TYR C 16 44.05 36.52 11.00
C TYR C 16 42.98 35.69 10.32
N LEU C 17 41.95 35.32 11.11
CA LEU C 17 40.81 34.52 10.68
C LEU C 17 39.92 35.22 9.69
N LEU C 18 39.77 36.52 9.82
CA LEU C 18 38.96 37.31 8.87
C LEU C 18 39.85 38.03 7.84
N PRO C 19 39.30 38.29 6.63
CA PRO C 19 39.92 39.27 5.72
C PRO C 19 39.88 40.69 6.36
N GLU C 20 40.52 41.69 5.71
CA GLU C 20 40.45 43.10 6.13
C GLU C 20 38.99 43.49 6.10
N VAL C 21 38.56 44.32 7.03
CA VAL C 21 37.19 44.82 6.94
C VAL C 21 36.95 45.45 5.52
N THR C 22 35.76 45.34 4.93
CA THR C 22 35.55 46.12 3.72
C THR C 22 35.33 47.62 3.99
N VAL C 23 35.32 48.45 2.94
CA VAL C 23 35.08 49.90 3.06
C VAL C 23 33.70 50.24 3.68
N LEU C 24 32.68 49.49 3.25
CA LEU C 24 31.31 49.64 3.76
C LEU C 24 31.17 49.26 5.22
N ASP C 25 31.87 48.22 5.65
CA ASP C 25 31.80 47.81 7.09
C ASP C 25 32.83 48.41 8.02
N TYR C 26 33.77 49.19 7.48
CA TYR C 26 34.86 49.77 8.31
C TYR C 26 34.28 50.46 9.50
N GLY C 27 34.79 50.10 10.68
CA GLY C 27 34.34 50.79 11.90
C GLY C 27 33.09 50.23 12.60
N LYS C 28 32.31 49.40 11.91
CA LYS C 28 31.21 48.70 12.55
C LYS C 28 31.75 47.73 13.59
N LYS C 29 30.94 47.51 14.60
CA LYS C 29 31.14 46.43 15.53
C LYS C 29 31.15 45.06 14.79
N CYS C 30 32.06 44.18 15.15
CA CYS C 30 32.10 42.82 14.59
C CYS C 30 31.29 41.85 15.50
N VAL C 31 30.19 41.30 14.96
CA VAL C 31 29.35 40.37 15.73
C VAL C 31 29.54 38.94 15.21
N VAL C 32 30.16 38.09 16.01
CA VAL C 32 30.34 36.65 15.77
C VAL C 32 29.12 35.89 16.33
N ILE C 33 28.52 35.05 15.51
CA ILE C 33 27.23 34.42 15.81
C ILE C 33 27.41 32.91 15.58
N ASP C 34 27.09 32.14 16.61
CA ASP C 34 27.06 30.70 16.57
C ASP C 34 25.90 30.17 15.72
N LEU C 35 26.03 28.92 15.26
CA LEU C 35 24.97 28.25 14.50
C LEU C 35 24.11 27.31 15.36
N ASP C 36 24.66 26.18 15.77
CA ASP C 36 23.91 25.10 16.44
C ASP C 36 23.54 25.34 17.88
N GLU C 37 22.20 25.26 18.11
CA GLU C 37 21.51 25.62 19.37
C GLU C 37 21.46 27.14 19.66
N THR C 38 21.88 27.95 18.71
CA THR C 38 21.79 29.41 18.81
C THR C 38 20.74 29.90 17.76
N LEU C 39 20.97 29.59 16.48
CA LEU C 39 20.02 29.93 15.40
C LEU C 39 19.17 28.78 14.87
N VAL C 40 19.69 27.54 14.97
CA VAL C 40 18.99 26.34 14.43
C VAL C 40 19.24 25.16 15.39
N HIS C 41 18.43 24.12 15.27
CA HIS C 41 18.78 22.83 15.83
C HIS C 41 18.59 21.72 14.81
N SER C 42 19.58 20.86 14.69
CA SER C 42 19.51 19.80 13.70
C SER C 42 19.63 18.40 14.35
N SER C 43 19.29 17.38 13.56
CA SER C 43 19.11 15.98 14.01
C SER C 43 19.16 15.02 12.82
N PHE C 44 19.67 13.81 13.05
CA PHE C 44 19.54 12.70 12.09
C PHE C 44 18.10 12.17 12.11
N LYS C 45 17.37 12.46 13.18
CA LYS C 45 16.00 11.96 13.33
C LYS C 45 14.98 12.81 12.54
N PRO C 46 14.16 12.19 11.68
CA PRO C 46 13.23 13.07 10.97
C PRO C 46 12.47 14.06 11.86
N ILE C 47 12.45 15.33 11.47
CA ILE C 47 11.52 16.31 12.05
C ILE C 47 10.52 16.46 10.91
N SER C 48 9.25 16.14 11.15
CA SER C 48 8.27 16.24 10.05
C SER C 48 8.04 17.70 9.58
N ASN C 49 8.26 18.65 10.50
CA ASN C 49 8.11 20.08 10.25
C ASN C 49 9.46 20.76 9.87
N ALA C 50 10.50 19.95 9.60
CA ALA C 50 11.85 20.51 9.37
C ALA C 50 11.80 21.67 8.41
N ASP C 51 12.53 22.73 8.70
CA ASP C 51 12.70 23.85 7.75
C ASP C 51 13.64 23.53 6.58
N PHE C 52 14.78 22.90 6.87
CA PHE C 52 15.67 22.47 5.79
C PHE C 52 15.97 21.00 5.96
N ILE C 53 16.32 20.35 4.86
CA ILE C 53 16.87 18.99 4.94
C ILE C 53 18.12 18.96 4.07
N VAL C 54 19.26 18.62 4.67
CA VAL C 54 20.57 18.74 4.02
C VAL C 54 21.22 17.34 3.98
N PRO C 55 21.62 16.83 2.78
CA PRO C 55 22.36 15.53 2.82
C PRO C 55 23.82 15.76 3.23
N VAL C 56 24.34 15.00 4.18
CA VAL C 56 25.73 15.17 4.63
C VAL C 56 26.47 13.84 4.56
N GLU C 57 27.63 13.86 3.90
CA GLU C 57 28.47 12.69 3.75
C GLU C 57 29.47 12.50 4.93
N ILE C 58 29.42 11.31 5.56
CA ILE C 58 30.32 10.95 6.67
C ILE C 58 30.94 9.62 6.29
N ASP C 59 32.28 9.64 6.19
CA ASP C 59 33.05 8.48 5.74
C ASP C 59 32.40 7.93 4.42
N GLY C 60 31.92 8.82 3.54
CA GLY C 60 31.40 8.37 2.23
C GLY C 60 29.93 7.93 2.18
N THR C 61 29.30 7.83 3.35
CA THR C 61 27.89 7.51 3.56
C THR C 61 27.05 8.78 3.80
N ILE C 62 26.02 8.96 3.00
CA ILE C 62 25.13 10.12 3.08
C ILE C 62 24.04 9.93 4.12
N HIS C 63 23.92 10.91 5.01
CA HIS C 63 22.83 10.98 6.00
C HIS C 63 22.06 12.25 5.72
N GLN C 64 20.73 12.12 5.75
CA GLN C 64 19.85 13.30 5.88
C GLN C 64 20.01 14.00 7.23
N VAL C 65 20.17 15.35 7.17
CA VAL C 65 20.17 16.17 8.37
C VAL C 65 18.91 17.04 8.30
N TYR C 66 18.07 16.92 9.34
CA TYR C 66 16.85 17.69 9.49
C TYR C 66 17.17 18.89 10.39
N VAL C 67 16.84 20.06 9.88
CA VAL C 67 17.16 21.34 10.51
C VAL C 67 15.90 22.15 10.83
N LEU C 68 15.73 22.48 12.10
CA LEU C 68 14.66 23.39 12.52
C LEU C 68 15.24 24.79 12.78
N LYS C 69 14.64 25.84 12.19
CA LYS C 69 14.96 27.27 12.55
C LYS C 69 14.42 27.72 13.88
N ARG C 70 15.28 28.36 14.69
CA ARG C 70 14.77 29.02 15.92
C ARG C 70 13.77 30.12 15.52
N PRO C 71 12.67 30.31 16.29
CA PRO C 71 11.78 31.43 15.93
C PRO C 71 12.50 32.78 15.85
N HIS C 72 12.05 33.63 14.92
CA HIS C 72 12.50 35.02 14.73
C HIS C 72 13.92 35.18 14.14
N VAL C 73 14.49 34.06 13.73
CA VAL C 73 15.83 34.04 13.16
C VAL C 73 16.00 34.90 11.92
N ASP C 74 14.98 34.91 11.04
CA ASP C 74 15.11 35.72 9.83
C ASP C 74 15.16 37.22 10.17
N GLU C 75 14.22 37.69 11.00
CA GLU C 75 14.16 39.08 11.42
C GLU C 75 15.44 39.49 12.14
N PHE C 76 15.91 38.64 13.08
CA PHE C 76 17.16 38.84 13.83
C PHE C 76 18.38 39.03 12.87
N LEU C 77 18.58 38.08 11.94
CA LEU C 77 19.74 38.07 11.05
C LEU C 77 19.70 39.29 10.14
N GLN C 78 18.49 39.64 9.68
CA GLN C 78 18.33 40.80 8.77
C GLN C 78 18.71 42.12 9.40
N ARG C 79 18.23 42.32 10.61
CA ARG C 79 18.59 43.48 11.42
C ARG C 79 20.10 43.58 11.76
N MET C 80 20.66 42.49 12.29
CA MET C 80 22.09 42.37 12.57
C MET C 80 22.96 42.71 11.36
N GLY C 81 22.55 42.20 10.19
CA GLY C 81 23.23 42.41 8.90
C GLY C 81 23.23 43.86 8.45
N GLN C 82 22.19 44.60 8.81
CA GLN C 82 22.14 46.05 8.57
C GLN C 82 22.96 46.89 9.53
N LEU C 83 23.26 46.37 10.73
CA LEU C 83 23.88 47.17 11.76
C LEU C 83 25.33 46.87 11.97
N PHE C 84 25.71 45.60 11.81
CA PHE C 84 27.08 45.18 12.17
C PHE C 84 27.79 44.43 11.04
N GLU C 85 29.05 44.15 11.30
CA GLU C 85 29.82 43.24 10.50
C GLU C 85 29.64 41.83 11.11
N CYS C 86 28.65 41.09 10.61
CA CYS C 86 28.35 39.79 11.19
C CYS C 86 29.21 38.70 10.59
N VAL C 87 29.61 37.79 11.48
CA VAL C 87 30.42 36.64 11.10
C VAL C 87 29.81 35.35 11.66
N LEU C 88 29.66 34.35 10.83
CA LEU C 88 29.25 33.02 11.34
C LEU C 88 30.49 32.31 11.88
N PHE C 89 30.45 31.87 13.14
CA PHE C 89 31.58 31.14 13.72
C PHE C 89 31.05 29.92 14.51
N THR C 90 31.33 28.72 13.97
CA THR C 90 30.81 27.49 14.54
C THR C 90 31.95 26.45 14.70
N ALA C 91 31.82 25.58 15.69
CA ALA C 91 32.67 24.39 15.81
C ALA C 91 32.16 23.17 15.05
N SER C 92 31.00 23.30 14.40
CA SER C 92 30.49 22.30 13.47
C SER C 92 31.36 22.28 12.23
N LEU C 93 31.37 21.14 11.55
CA LEU C 93 32.06 20.97 10.28
C LEU C 93 31.34 21.66 9.13
N ALA C 94 32.11 22.20 8.19
CA ALA C 94 31.63 22.95 7.03
C ALA C 94 30.71 22.12 6.06
N LYS C 95 30.90 20.81 6.00
CA LYS C 95 30.11 19.98 5.10
C LYS C 95 28.62 19.98 5.55
N TYR C 96 28.40 20.20 6.85
CA TYR C 96 27.06 20.48 7.41
C TYR C 96 26.74 22.00 7.48
N ALA C 97 27.62 22.76 8.12
CA ALA C 97 27.35 24.19 8.35
C ALA C 97 27.27 25.05 7.09
N ASP C 98 28.07 24.76 6.07
CA ASP C 98 28.06 25.62 4.89
C ASP C 98 26.72 25.53 4.10
N PRO C 99 26.26 24.31 3.81
CA PRO C 99 24.89 24.23 3.28
C PRO C 99 23.76 24.84 4.14
N VAL C 100 23.82 24.69 5.45
CA VAL C 100 22.81 25.32 6.31
C VAL C 100 22.80 26.88 6.17
N ALA C 101 23.98 27.48 6.29
CA ALA C 101 24.19 28.91 6.09
C ALA C 101 23.70 29.44 4.73
N ASP C 102 23.87 28.63 3.68
CA ASP C 102 23.34 28.94 2.35
C ASP C 102 21.79 29.09 2.37
N LEU C 103 21.14 28.21 3.12
CA LEU C 103 19.69 28.23 3.25
C LEU C 103 19.24 29.30 4.21
N LEU C 104 20.02 29.50 5.26
CA LEU C 104 19.66 30.43 6.33
C LEU C 104 19.85 31.92 5.93
N ASP C 105 20.97 32.23 5.32
CA ASP C 105 21.37 33.64 5.11
C ASP C 105 21.01 34.04 3.67
N ARG C 106 19.89 34.74 3.51
CA ARG C 106 19.36 35.09 2.20
C ARG C 106 19.56 36.56 1.91
N TRP C 107 20.26 37.23 2.84
CA TRP C 107 20.36 38.70 2.77
C TRP C 107 21.79 39.21 2.77
N GLY C 108 22.78 38.35 2.51
CA GLY C 108 24.21 38.77 2.60
C GLY C 108 24.65 39.16 4.03
N VAL C 109 24.03 38.54 5.02
CA VAL C 109 24.31 38.89 6.44
C VAL C 109 25.76 38.62 6.84
N PHE C 110 26.19 37.37 6.70
CA PHE C 110 27.49 36.94 7.13
C PHE C 110 28.58 37.38 6.10
N ARG C 111 29.49 38.26 6.52
CA ARG C 111 30.64 38.66 5.69
C ARG C 111 31.70 37.56 5.63
N ALA C 112 31.66 36.63 6.57
CA ALA C 112 32.55 35.52 6.54
C ALA C 112 31.91 34.33 7.29
N ARG C 113 32.43 33.13 7.02
CA ARG C 113 31.97 31.95 7.70
C ARG C 113 33.18 31.19 8.20
N LEU C 114 33.19 30.85 9.49
CA LEU C 114 34.29 30.14 10.15
C LEU C 114 33.73 28.89 10.82
N PHE C 115 34.41 27.77 10.61
CA PHE C 115 33.94 26.44 11.03
C PHE C 115 35.01 25.90 11.94
N ARG C 116 34.97 24.59 12.19
CA ARG C 116 35.85 23.94 13.15
C ARG C 116 37.36 24.17 12.97
N GLU C 117 37.84 24.21 11.72
CA GLU C 117 39.24 24.45 11.38
C GLU C 117 39.71 25.82 11.87
N SER C 118 38.77 26.77 12.07
CA SER C 118 39.09 28.04 12.66
C SER C 118 39.02 28.05 14.20
N CYS C 119 38.52 26.97 14.81
CA CYS C 119 38.56 26.83 16.27
C CYS C 119 39.93 26.29 16.73
N VAL C 120 40.24 26.45 18.00
CA VAL C 120 41.45 25.87 18.59
C VAL C 120 40.98 24.76 19.56
N PHE C 121 41.55 23.55 19.46
CA PHE C 121 41.30 22.49 20.45
C PHE C 121 42.12 22.89 21.71
N HIS C 122 41.42 23.21 22.78
CA HIS C 122 42.13 23.69 23.94
C HIS C 122 41.59 22.97 25.11
N ARG C 123 42.51 22.26 25.78
CA ARG C 123 42.16 21.39 26.89
C ARG C 123 40.85 20.64 26.63
N GLY C 124 40.76 19.95 25.49
CA GLY C 124 39.63 19.07 25.20
C GLY C 124 38.38 19.65 24.55
N ASN C 125 38.37 20.96 24.28
CA ASN C 125 37.16 21.64 23.73
C ASN C 125 37.50 22.49 22.54
N TYR C 126 36.53 22.69 21.62
CA TYR C 126 36.66 23.72 20.55
C TYR C 126 36.32 25.16 21.00
N VAL C 127 37.32 26.03 20.93
CA VAL C 127 37.22 27.36 21.46
C VAL C 127 37.37 28.35 20.29
N LYS C 128 36.58 29.40 20.30
CA LYS C 128 36.60 30.41 19.25
C LYS C 128 37.38 31.56 19.87
N ASP C 129 38.64 31.68 19.44
CA ASP C 129 39.57 32.62 20.04
C ASP C 129 39.39 33.93 19.28
N LEU C 130 38.61 34.83 19.88
CA LEU C 130 38.32 36.13 19.30
C LEU C 130 39.59 36.98 19.03
N SER C 131 40.73 36.64 19.69
CA SER C 131 42.06 37.30 19.43
C SER C 131 42.61 37.06 18.04
N ARG C 132 42.15 35.98 17.39
CA ARG C 132 42.63 35.65 16.05
C ARG C 132 41.81 36.26 14.92
N LEU C 133 40.83 37.11 15.26
CA LEU C 133 39.91 37.63 14.24
C LEU C 133 40.50 38.68 13.33
N GLY C 134 41.36 39.55 13.88
CA GLY C 134 41.92 40.71 13.13
C GLY C 134 40.99 41.89 13.30
N ARG C 135 40.37 41.95 14.47
CA ARG C 135 39.41 43.01 14.78
C ARG C 135 39.73 43.46 16.17
N GLU C 136 39.53 44.74 16.46
CA GLU C 136 39.79 45.23 17.82
C GLU C 136 38.81 44.58 18.78
N LEU C 137 39.34 43.99 19.85
CA LEU C 137 38.51 43.19 20.72
C LEU C 137 37.33 43.93 21.43
N SER C 138 37.58 45.14 21.95
CA SER C 138 36.54 46.07 22.42
C SER C 138 35.40 46.26 21.39
N LYS C 139 35.62 45.86 20.13
CA LYS C 139 34.61 46.01 19.08
C LYS C 139 34.14 44.67 18.57
N VAL C 140 34.28 43.65 19.40
CA VAL C 140 33.80 42.32 19.00
C VAL C 140 32.81 41.81 20.03
N ILE C 141 31.69 41.27 19.55
CA ILE C 141 30.70 40.64 20.37
C ILE C 141 30.45 39.24 19.80
N ILE C 142 30.36 38.23 20.69
CA ILE C 142 30.04 36.84 20.32
C ILE C 142 28.68 36.46 20.93
N VAL C 143 27.75 36.03 20.04
CA VAL C 143 26.39 35.54 20.40
C VAL C 143 26.45 33.99 20.27
N ASP C 144 26.29 33.28 21.39
CA ASP C 144 26.57 31.86 21.40
C ASP C 144 25.74 31.31 22.57
N ASN C 145 25.29 30.06 22.47
CA ASN C 145 24.66 29.29 23.57
C ASN C 145 25.61 28.51 24.49
N SER C 146 26.87 28.40 24.09
CA SER C 146 27.78 27.51 24.80
C SER C 146 28.99 28.26 25.37
N PRO C 147 28.99 28.50 26.69
CA PRO C 147 30.12 29.23 27.30
C PRO C 147 31.50 28.69 27.01
N ALA C 148 31.59 27.36 26.84
CA ALA C 148 32.85 26.68 26.60
C ALA C 148 33.49 27.18 25.31
N SER C 149 32.66 27.57 24.34
CA SER C 149 33.11 28.06 23.05
C SER C 149 33.87 29.39 23.15
N TYR C 150 33.55 30.21 24.15
CA TYR C 150 34.21 31.50 24.28
C TYR C 150 34.95 31.64 25.61
N ILE C 151 35.54 30.55 26.09
CA ILE C 151 36.21 30.56 27.40
C ILE C 151 37.38 31.59 27.52
N PHE C 152 38.05 31.95 26.42
CA PHE C 152 39.13 32.96 26.50
C PHE C 152 38.55 34.39 26.62
N HIS C 153 37.28 34.54 26.23
CA HIS C 153 36.68 35.85 26.06
C HIS C 153 35.24 36.00 26.56
N PRO C 154 34.97 35.63 27.85
CA PRO C 154 33.60 35.78 28.41
C PRO C 154 33.11 37.21 28.47
N GLU C 155 34.03 38.16 28.61
CA GLU C 155 33.67 39.59 28.57
C GLU C 155 32.95 40.03 27.29
N ASN C 156 33.18 39.33 26.19
CA ASN C 156 32.60 39.70 24.92
C ASN C 156 31.24 39.05 24.55
N ALA C 157 30.73 38.21 25.45
CA ALA C 157 29.62 37.34 25.13
C ALA C 157 28.29 38.01 25.42
N VAL C 158 27.32 37.74 24.53
CA VAL C 158 25.96 38.09 24.72
C VAL C 158 25.30 36.70 24.57
N PRO C 159 25.00 36.04 25.70
CA PRO C 159 24.55 34.65 25.58
C PRO C 159 23.10 34.50 25.16
N VAL C 160 22.80 33.36 24.53
CA VAL C 160 21.41 32.88 24.36
C VAL C 160 21.31 31.52 25.07
N GLN C 161 20.11 31.15 25.51
CA GLN C 161 19.92 29.75 25.95
C GLN C 161 19.96 28.81 24.74
N SER C 162 20.46 27.60 24.93
CA SER C 162 20.43 26.50 23.93
C SER C 162 19.02 26.25 23.46
N TRP C 163 18.83 26.21 22.15
CA TRP C 163 17.49 26.09 21.59
C TRP C 163 17.40 24.77 20.81
N PHE C 164 16.33 24.03 21.07
CA PHE C 164 16.11 22.72 20.36
C PHE C 164 14.81 22.65 19.51
N ASP C 165 13.68 23.03 20.08
CA ASP C 165 12.37 22.80 19.47
C ASP C 165 11.25 23.75 19.99
N ASP C 166 11.56 24.58 21.01
CA ASP C 166 10.53 25.44 21.60
C ASP C 166 10.07 26.60 20.71
N MET C 167 8.86 26.46 20.16
CA MET C 167 8.33 27.44 19.19
C MET C 167 7.80 28.74 19.81
N THR C 168 7.80 28.76 21.14
CA THR C 168 7.40 29.95 21.87
C THR C 168 8.63 30.80 22.24
N ASP C 169 9.83 30.32 21.92
CA ASP C 169 11.10 31.06 22.15
C ASP C 169 11.09 32.42 21.44
N THR C 170 11.47 33.45 22.19
CA THR C 170 11.63 34.79 21.65
C THR C 170 13.02 35.41 21.96
N GLU C 171 14.01 34.60 22.32
CA GLU C 171 15.31 35.16 22.65
C GLU C 171 15.96 35.99 21.52
N LEU C 172 15.83 35.51 20.28
CA LEU C 172 16.40 36.25 19.13
C LEU C 172 15.64 37.54 18.82
N LEU C 173 14.32 37.50 18.93
CA LEU C 173 13.55 38.75 18.85
C LEU C 173 14.00 39.78 19.92
N ASP C 174 14.17 39.33 21.15
CA ASP C 174 14.56 40.19 22.30
C ASP C 174 15.97 40.74 22.20
N LEU C 175 16.83 40.07 21.46
CA LEU C 175 18.16 40.59 21.15
C LEU C 175 18.07 41.87 20.28
N ILE C 176 17.04 41.96 19.44
CA ILE C 176 16.98 43.04 18.42
C ILE C 176 17.06 44.44 19.07
N PRO C 177 16.12 44.78 19.99
CA PRO C 177 16.22 46.09 20.64
C PRO C 177 17.51 46.34 21.45
N PHE C 178 18.08 45.25 21.98
CA PHE C 178 19.36 45.31 22.69
C PHE C 178 20.49 45.74 21.74
N PHE C 179 20.58 45.08 20.59
CA PHE C 179 21.58 45.45 19.63
C PHE C 179 21.33 46.80 18.93
N GLU C 180 20.09 47.15 18.63
CA GLU C 180 19.77 48.51 18.17
C GLU C 180 20.21 49.58 19.20
N GLY C 181 20.10 49.25 20.50
CA GLY C 181 20.54 50.17 21.53
C GLY C 181 22.05 50.40 21.50
N LEU C 182 22.80 49.28 21.45
CA LEU C 182 24.25 49.30 21.38
C LEU C 182 24.69 50.03 20.13
N SER C 183 23.93 49.87 19.05
CA SER C 183 24.21 50.54 17.79
C SER C 183 23.99 52.06 17.83
N ARG C 184 22.97 52.53 18.56
CA ARG C 184 22.70 53.95 18.73
C ARG C 184 23.74 54.68 19.59
N GLU C 185 24.23 54.03 20.64
CA GLU C 185 25.34 54.56 21.45
C GLU C 185 26.57 54.90 20.60
N ASP C 186 26.89 53.99 19.67
CA ASP C 186 27.76 54.23 18.48
C ASP C 186 28.88 53.18 18.37
N ALA D 14 -29.34 -51.80 -30.43
CA ALA D 14 -30.38 -52.24 -29.45
C ALA D 14 -31.72 -51.58 -29.72
N LYS D 15 -32.81 -52.26 -29.37
CA LYS D 15 -34.10 -51.62 -29.60
C LYS D 15 -34.23 -50.30 -28.82
N TYR D 16 -33.53 -50.19 -27.69
CA TYR D 16 -33.62 -49.02 -26.83
C TYR D 16 -32.23 -48.51 -26.55
N LEU D 17 -32.16 -47.28 -26.06
CA LEU D 17 -30.90 -46.58 -25.80
C LEU D 17 -30.20 -47.13 -24.59
N LEU D 18 -30.98 -47.66 -23.66
CA LEU D 18 -30.44 -48.22 -22.41
C LEU D 18 -30.51 -49.73 -22.38
N PRO D 19 -29.57 -50.38 -21.68
CA PRO D 19 -29.78 -51.81 -21.60
C PRO D 19 -30.96 -52.04 -20.60
N GLU D 20 -31.38 -53.31 -20.45
CA GLU D 20 -32.36 -53.68 -19.43
C GLU D 20 -31.94 -53.11 -18.08
N VAL D 21 -32.90 -52.70 -17.27
CA VAL D 21 -32.61 -52.20 -15.92
C VAL D 21 -32.03 -53.34 -15.07
N THR D 22 -31.00 -53.05 -14.28
CA THR D 22 -30.39 -54.11 -13.44
C THR D 22 -31.34 -54.52 -12.29
N VAL D 23 -31.01 -55.66 -11.63
CA VAL D 23 -31.74 -56.20 -10.49
C VAL D 23 -31.71 -55.18 -9.34
N LEU D 24 -30.56 -54.54 -9.21
CA LEU D 24 -30.40 -53.55 -8.14
C LEU D 24 -31.15 -52.26 -8.38
N ASP D 25 -31.27 -51.83 -9.63
CA ASP D 25 -31.95 -50.53 -9.93
C ASP D 25 -33.43 -50.71 -10.31
N TYR D 26 -33.89 -51.97 -10.34
CA TYR D 26 -35.30 -52.28 -10.71
C TYR D 26 -36.25 -51.43 -9.93
N GLY D 27 -37.14 -50.76 -10.64
CA GLY D 27 -38.18 -49.99 -9.98
C GLY D 27 -37.84 -48.54 -9.58
N LYS D 28 -36.55 -48.17 -9.63
CA LYS D 28 -36.13 -46.78 -9.43
C LYS D 28 -36.57 -45.88 -10.61
N LYS D 29 -36.96 -44.64 -10.31
CA LYS D 29 -37.05 -43.62 -11.36
C LYS D 29 -35.71 -43.52 -12.11
N CYS D 30 -35.84 -43.29 -13.41
CA CYS D 30 -34.72 -43.09 -14.26
C CYS D 30 -34.50 -41.56 -14.36
N VAL D 31 -33.35 -41.08 -13.89
CA VAL D 31 -33.08 -39.64 -14.02
C VAL D 31 -32.00 -39.36 -15.10
N VAL D 32 -32.37 -38.69 -16.16
CA VAL D 32 -31.47 -38.32 -17.24
C VAL D 32 -30.93 -36.92 -16.90
N ILE D 33 -29.61 -36.76 -16.97
CA ILE D 33 -28.93 -35.55 -16.52
C ILE D 33 -28.05 -35.06 -17.66
N ASP D 34 -28.31 -33.81 -18.08
CA ASP D 34 -27.48 -33.13 -19.05
C ASP D 34 -26.11 -32.79 -18.43
N LEU D 35 -25.16 -32.49 -19.33
CA LEU D 35 -23.74 -32.15 -18.99
C LEU D 35 -23.42 -30.67 -19.05
N ASP D 36 -23.36 -30.12 -20.26
CA ASP D 36 -22.94 -28.73 -20.50
C ASP D 36 -23.96 -27.69 -20.14
N GLU D 37 -23.50 -26.77 -19.29
CA GLU D 37 -24.31 -25.70 -18.70
C GLU D 37 -25.30 -26.20 -17.65
N THR D 38 -25.24 -27.49 -17.34
CA THR D 38 -26.01 -28.11 -16.27
C THR D 38 -25.10 -28.50 -15.08
N LEU D 39 -24.12 -29.37 -15.34
CA LEU D 39 -23.16 -29.82 -14.33
C LEU D 39 -21.82 -29.09 -14.37
N VAL D 40 -21.40 -28.68 -15.58
CA VAL D 40 -20.13 -28.03 -15.80
C VAL D 40 -20.30 -26.97 -16.89
N HIS D 41 -19.29 -26.11 -17.02
CA HIS D 41 -19.13 -25.29 -18.21
C HIS D 41 -17.69 -25.35 -18.68
N SER D 42 -17.49 -25.53 -20.00
CA SER D 42 -16.14 -25.71 -20.54
C SER D 42 -15.85 -24.68 -21.63
N SER D 43 -14.56 -24.50 -21.92
CA SER D 43 -14.13 -23.66 -23.05
C SER D 43 -12.68 -23.94 -23.48
N PHE D 44 -12.35 -23.46 -24.69
CA PHE D 44 -10.96 -23.44 -25.17
C PHE D 44 -10.13 -22.35 -24.49
N LYS D 45 -10.79 -21.29 -24.00
CA LYS D 45 -10.13 -20.19 -23.28
C LYS D 45 -9.77 -20.67 -21.86
N PRO D 46 -8.49 -20.53 -21.48
CA PRO D 46 -8.05 -20.90 -20.13
C PRO D 46 -8.94 -20.32 -19.02
N ILE D 47 -9.42 -21.20 -18.12
CA ILE D 47 -10.18 -20.82 -16.93
C ILE D 47 -9.14 -20.96 -15.83
N SER D 48 -8.55 -19.85 -15.35
CA SER D 48 -7.46 -19.90 -14.32
C SER D 48 -7.70 -20.94 -13.20
N ASN D 49 -8.97 -21.04 -12.83
CA ASN D 49 -9.46 -21.87 -11.74
C ASN D 49 -10.08 -23.17 -12.28
N ALA D 50 -9.70 -23.56 -13.51
CA ALA D 50 -10.32 -24.73 -14.18
C ALA D 50 -10.23 -25.91 -13.22
N ASP D 51 -11.30 -26.69 -13.09
CA ASP D 51 -11.26 -27.94 -12.37
C ASP D 51 -10.61 -29.04 -13.14
N PHE D 52 -10.88 -29.16 -14.44
CA PHE D 52 -10.18 -30.20 -15.24
C PHE D 52 -9.67 -29.57 -16.52
N ILE D 53 -8.64 -30.18 -17.09
CA ILE D 53 -8.15 -29.81 -18.42
C ILE D 53 -8.06 -31.11 -19.21
N VAL D 54 -8.78 -31.11 -20.33
CA VAL D 54 -9.00 -32.33 -21.12
C VAL D 54 -8.45 -32.04 -22.53
N PRO D 55 -7.45 -32.81 -23.00
CA PRO D 55 -7.03 -32.63 -24.40
C PRO D 55 -8.02 -33.29 -25.41
N VAL D 56 -8.52 -32.52 -26.39
CA VAL D 56 -9.50 -33.04 -27.34
C VAL D 56 -8.98 -32.84 -28.77
N GLU D 57 -8.96 -33.93 -29.53
CA GLU D 57 -8.54 -33.94 -30.89
C GLU D 57 -9.67 -33.56 -31.86
N ILE D 58 -9.42 -32.56 -32.71
CA ILE D 58 -10.40 -32.14 -33.72
C ILE D 58 -9.68 -32.13 -35.04
N ASP D 59 -10.17 -33.00 -35.95
CA ASP D 59 -9.52 -33.23 -37.24
C ASP D 59 -8.01 -33.45 -37.02
N GLY D 60 -7.67 -34.25 -36.01
CA GLY D 60 -6.24 -34.60 -35.80
C GLY D 60 -5.38 -33.55 -35.08
N THR D 61 -5.95 -32.38 -34.80
CA THR D 61 -5.31 -31.31 -34.00
C THR D 61 -5.80 -31.31 -32.56
N ILE D 62 -4.90 -31.32 -31.60
CA ILE D 62 -5.27 -31.31 -30.16
C ILE D 62 -5.47 -29.90 -29.63
N HIS D 63 -6.56 -29.72 -28.86
CA HIS D 63 -6.96 -28.47 -28.21
C HIS D 63 -7.20 -28.81 -26.74
N GLN D 64 -6.73 -27.96 -25.83
CA GLN D 64 -7.12 -28.06 -24.42
C GLN D 64 -8.54 -27.56 -24.23
N VAL D 65 -9.33 -28.33 -23.51
CA VAL D 65 -10.62 -27.91 -23.04
C VAL D 65 -10.51 -27.67 -21.53
N TYR D 66 -10.82 -26.46 -21.12
CA TYR D 66 -10.87 -26.07 -19.71
C TYR D 66 -12.30 -26.27 -19.18
N VAL D 67 -12.41 -27.05 -18.12
CA VAL D 67 -13.71 -27.47 -17.53
C VAL D 67 -13.88 -26.94 -16.11
N LEU D 68 -14.96 -26.18 -15.94
CA LEU D 68 -15.31 -25.71 -14.62
C LEU D 68 -16.54 -26.43 -14.06
N LYS D 69 -16.44 -26.94 -12.84
CA LYS D 69 -17.59 -27.62 -12.16
C LYS D 69 -18.56 -26.66 -11.53
N ARG D 70 -19.86 -26.90 -11.74
CA ARG D 70 -20.88 -26.11 -11.11
C ARG D 70 -20.80 -26.39 -9.60
N PRO D 71 -21.00 -25.33 -8.76
CA PRO D 71 -21.04 -25.58 -7.31
C PRO D 71 -22.01 -26.68 -6.94
N HIS D 72 -21.63 -27.48 -5.95
CA HIS D 72 -22.47 -28.56 -5.34
C HIS D 72 -22.68 -29.85 -6.18
N VAL D 73 -21.96 -29.94 -7.30
CA VAL D 73 -22.14 -31.01 -8.26
C VAL D 73 -21.83 -32.36 -7.66
N ASP D 74 -20.75 -32.44 -6.86
CA ASP D 74 -20.38 -33.74 -6.24
C ASP D 74 -21.44 -34.21 -5.27
N GLU D 75 -21.88 -33.33 -4.38
CA GLU D 75 -22.92 -33.72 -3.44
C GLU D 75 -24.20 -34.13 -4.20
N PHE D 76 -24.57 -33.32 -5.19
CA PHE D 76 -25.75 -33.57 -5.99
C PHE D 76 -25.67 -34.98 -6.65
N LEU D 77 -24.59 -35.27 -7.38
CA LEU D 77 -24.45 -36.55 -8.09
C LEU D 77 -24.44 -37.73 -7.15
N GLN D 78 -23.74 -37.58 -6.02
CA GLN D 78 -23.65 -38.71 -5.04
C GLN D 78 -24.99 -39.05 -4.49
N ARG D 79 -25.76 -38.03 -4.13
CA ARG D 79 -27.14 -38.24 -3.64
C ARG D 79 -28.06 -38.83 -4.71
N MET D 80 -27.97 -38.30 -5.95
CA MET D 80 -28.80 -38.77 -7.04
C MET D 80 -28.52 -40.24 -7.31
N GLY D 81 -27.24 -40.60 -7.27
CA GLY D 81 -26.79 -41.99 -7.51
C GLY D 81 -27.19 -43.00 -6.43
N GLN D 82 -27.41 -42.51 -5.21
CA GLN D 82 -27.96 -43.33 -4.15
C GLN D 82 -29.46 -43.58 -4.33
N LEU D 83 -30.19 -42.62 -4.93
CA LEU D 83 -31.66 -42.66 -4.98
C LEU D 83 -32.22 -43.14 -6.29
N PHE D 84 -31.52 -42.87 -7.38
CA PHE D 84 -32.10 -43.15 -8.71
C PHE D 84 -31.22 -43.99 -9.62
N GLU D 85 -31.81 -44.40 -10.74
CA GLU D 85 -31.07 -44.88 -11.90
C GLU D 85 -30.67 -43.68 -12.80
N CYS D 86 -29.47 -43.15 -12.60
CA CYS D 86 -29.02 -41.93 -13.33
C CYS D 86 -28.26 -42.29 -14.58
N VAL D 87 -28.52 -41.48 -15.60
CA VAL D 87 -28.07 -41.63 -16.98
C VAL D 87 -27.58 -40.26 -17.47
N LEU D 88 -26.37 -40.23 -17.97
CA LEU D 88 -25.81 -39.00 -18.52
C LEU D 88 -26.30 -38.96 -19.95
N PHE D 89 -26.88 -37.85 -20.36
CA PHE D 89 -27.41 -37.75 -21.74
C PHE D 89 -27.11 -36.34 -22.24
N THR D 90 -26.24 -36.28 -23.23
CA THR D 90 -25.74 -35.02 -23.73
C THR D 90 -25.76 -35.00 -25.28
N ALA D 91 -25.91 -33.82 -25.86
CA ALA D 91 -25.66 -33.70 -27.32
C ALA D 91 -24.19 -33.39 -27.68
N SER D 92 -23.34 -33.16 -26.69
CA SER D 92 -21.88 -33.13 -26.92
C SER D 92 -21.28 -34.47 -27.36
N LEU D 93 -20.21 -34.35 -28.13
CA LEU D 93 -19.46 -35.48 -28.65
C LEU D 93 -18.74 -36.19 -27.56
N ALA D 94 -18.71 -37.52 -27.68
CA ALA D 94 -18.07 -38.40 -26.69
C ALA D 94 -16.57 -38.08 -26.49
N LYS D 95 -15.91 -37.57 -27.53
CA LYS D 95 -14.44 -37.28 -27.43
C LYS D 95 -14.17 -36.23 -26.34
N TYR D 96 -15.18 -35.39 -26.09
CA TYR D 96 -15.16 -34.48 -24.96
C TYR D 96 -15.86 -35.03 -23.69
N ALA D 97 -17.11 -35.46 -23.88
CA ALA D 97 -17.99 -35.82 -22.78
C ALA D 97 -17.54 -37.05 -21.97
N ASP D 98 -17.03 -38.07 -22.63
CA ASP D 98 -16.49 -39.25 -21.93
C ASP D 98 -15.34 -38.99 -20.94
N PRO D 99 -14.28 -38.29 -21.39
CA PRO D 99 -13.27 -37.90 -20.38
C PRO D 99 -13.79 -37.01 -19.25
N VAL D 100 -14.71 -36.08 -19.57
CA VAL D 100 -15.24 -35.21 -18.51
C VAL D 100 -16.02 -36.05 -17.45
N ALA D 101 -16.88 -36.95 -17.95
CA ALA D 101 -17.60 -37.89 -17.10
C ALA D 101 -16.71 -38.80 -16.20
N ASP D 102 -15.53 -39.22 -16.70
CA ASP D 102 -14.59 -40.01 -15.90
C ASP D 102 -14.03 -39.18 -14.76
N LEU D 103 -13.86 -37.89 -15.00
CA LEU D 103 -13.28 -37.06 -14.00
C LEU D 103 -14.42 -36.63 -13.05
N LEU D 104 -15.63 -36.50 -13.58
CA LEU D 104 -16.73 -36.01 -12.74
C LEU D 104 -17.34 -37.13 -11.86
N ASP D 105 -17.64 -38.26 -12.47
CA ASP D 105 -18.35 -39.35 -11.76
C ASP D 105 -17.37 -40.30 -11.07
N ARG D 106 -17.19 -40.12 -9.78
CA ARG D 106 -16.24 -40.93 -9.03
C ARG D 106 -16.92 -41.99 -8.18
N TRP D 107 -18.23 -42.13 -8.33
CA TRP D 107 -19.00 -42.95 -7.39
C TRP D 107 -19.93 -43.92 -8.12
N GLY D 108 -19.69 -44.14 -9.42
CA GLY D 108 -20.53 -44.98 -10.25
C GLY D 108 -21.96 -44.45 -10.33
N VAL D 109 -22.12 -43.14 -10.37
CA VAL D 109 -23.47 -42.54 -10.40
C VAL D 109 -24.27 -42.91 -11.66
N PHE D 110 -23.67 -42.65 -12.81
CA PHE D 110 -24.24 -42.86 -14.15
C PHE D 110 -24.13 -44.33 -14.54
N ARG D 111 -25.31 -44.96 -14.71
CA ARG D 111 -25.43 -46.35 -15.19
C ARG D 111 -25.18 -46.48 -16.69
N ALA D 112 -25.29 -45.37 -17.39
CA ALA D 112 -25.10 -45.33 -18.82
C ALA D 112 -24.74 -43.88 -19.17
N ARG D 113 -24.04 -43.74 -20.30
CA ARG D 113 -23.60 -42.47 -20.86
C ARG D 113 -24.07 -42.40 -22.32
N LEU D 114 -24.93 -41.43 -22.63
CA LEU D 114 -25.46 -41.23 -23.99
C LEU D 114 -24.98 -39.86 -24.56
N PHE D 115 -24.42 -39.90 -25.75
CA PHE D 115 -23.89 -38.72 -26.39
C PHE D 115 -24.69 -38.34 -27.66
N ARG D 116 -24.09 -37.52 -28.50
CA ARG D 116 -24.73 -37.06 -29.75
C ARG D 116 -25.39 -38.19 -30.60
N GLU D 117 -24.71 -39.32 -30.77
CA GLU D 117 -25.19 -40.50 -31.49
C GLU D 117 -26.54 -41.04 -31.01
N SER D 118 -26.90 -40.71 -29.75
CA SER D 118 -28.17 -41.12 -29.14
C SER D 118 -29.26 -40.05 -29.21
N CYS D 119 -28.86 -38.85 -29.59
CA CYS D 119 -29.78 -37.78 -29.97
C CYS D 119 -30.30 -37.90 -31.41
N VAL D 120 -31.44 -37.30 -31.64
CA VAL D 120 -32.05 -37.27 -32.95
C VAL D 120 -31.96 -35.82 -33.47
N PHE D 121 -31.47 -35.61 -34.72
CA PHE D 121 -31.45 -34.27 -35.30
C PHE D 121 -32.88 -33.97 -35.77
N HIS D 122 -33.55 -33.07 -35.09
CA HIS D 122 -34.94 -32.85 -35.39
C HIS D 122 -35.15 -31.38 -35.65
N ARG D 123 -35.65 -31.11 -36.86
CA ARG D 123 -35.80 -29.77 -37.38
C ARG D 123 -34.65 -28.87 -36.92
N GLY D 124 -33.40 -29.27 -37.22
CA GLY D 124 -32.26 -28.39 -36.97
C GLY D 124 -31.66 -28.36 -35.57
N ASN D 125 -32.16 -29.21 -34.66
CA ASN D 125 -31.66 -29.29 -33.25
C ASN D 125 -31.42 -30.75 -32.80
N TYR D 126 -30.52 -30.95 -31.82
CA TYR D 126 -30.38 -32.27 -31.20
C TYR D 126 -31.36 -32.50 -30.05
N VAL D 127 -32.18 -33.53 -30.19
CA VAL D 127 -33.25 -33.82 -29.21
C VAL D 127 -32.97 -35.13 -28.47
N LYS D 128 -33.19 -35.13 -27.17
CA LYS D 128 -33.10 -36.32 -26.34
C LYS D 128 -34.53 -36.87 -26.23
N ASP D 129 -34.75 -37.89 -27.07
CA ASP D 129 -36.06 -38.53 -27.19
C ASP D 129 -36.21 -39.54 -26.06
N LEU D 130 -36.87 -39.13 -24.99
CA LEU D 130 -37.03 -40.03 -23.84
C LEU D 130 -37.77 -41.38 -24.14
N SER D 131 -38.60 -41.39 -25.20
CA SER D 131 -39.35 -42.60 -25.67
C SER D 131 -38.44 -43.74 -26.05
N ARG D 132 -37.21 -43.41 -26.44
CA ARG D 132 -36.18 -44.39 -26.86
C ARG D 132 -35.38 -45.03 -25.73
N LEU D 133 -35.58 -44.62 -24.47
CA LEU D 133 -34.76 -45.14 -23.35
C LEU D 133 -35.03 -46.60 -22.97
N GLY D 134 -36.27 -47.04 -23.19
CA GLY D 134 -36.75 -48.36 -22.76
C GLY D 134 -37.10 -48.33 -21.30
N ARG D 135 -37.65 -47.19 -20.87
CA ARG D 135 -38.08 -46.96 -19.52
C ARG D 135 -39.50 -46.45 -19.57
N GLU D 136 -40.27 -46.75 -18.55
CA GLU D 136 -41.63 -46.20 -18.45
C GLU D 136 -41.65 -44.67 -18.27
N LEU D 137 -42.19 -43.97 -19.26
CA LEU D 137 -42.05 -42.49 -19.26
C LEU D 137 -42.49 -41.77 -17.94
N SER D 138 -43.55 -42.26 -17.29
CA SER D 138 -44.03 -41.70 -16.04
C SER D 138 -42.99 -41.83 -14.92
N LYS D 139 -41.96 -42.65 -15.17
CA LYS D 139 -40.89 -42.85 -14.22
C LYS D 139 -39.57 -42.28 -14.79
N VAL D 140 -39.66 -41.31 -15.69
CA VAL D 140 -38.45 -40.69 -16.25
C VAL D 140 -38.47 -39.18 -15.97
N ILE D 141 -37.36 -38.68 -15.42
CA ILE D 141 -37.17 -37.25 -15.27
C ILE D 141 -35.90 -36.85 -16.03
N ILE D 142 -35.95 -35.69 -16.69
CA ILE D 142 -34.77 -35.12 -17.34
C ILE D 142 -34.41 -33.77 -16.67
N VAL D 143 -33.16 -33.69 -16.23
CA VAL D 143 -32.54 -32.47 -15.66
C VAL D 143 -31.57 -31.87 -16.70
N ASP D 144 -31.94 -30.69 -17.18
CA ASP D 144 -31.33 -30.11 -18.35
C ASP D 144 -31.56 -28.61 -18.30
N ASN D 145 -30.61 -27.83 -18.80
CA ASN D 145 -30.71 -26.35 -18.90
C ASN D 145 -31.29 -25.90 -20.24
N SER D 146 -31.45 -26.82 -21.17
CA SER D 146 -31.85 -26.39 -22.52
C SER D 146 -33.19 -26.99 -22.93
N PRO D 147 -34.27 -26.18 -22.89
CA PRO D 147 -35.57 -26.81 -23.26
C PRO D 147 -35.63 -27.40 -24.65
N ALA D 148 -34.80 -26.88 -25.59
CA ALA D 148 -34.78 -27.42 -26.96
C ALA D 148 -34.42 -28.95 -27.00
N SER D 149 -33.52 -29.35 -26.11
CA SER D 149 -33.06 -30.74 -25.95
C SER D 149 -34.19 -31.75 -25.58
N TYR D 150 -35.22 -31.31 -24.86
CA TYR D 150 -36.33 -32.22 -24.46
C TYR D 150 -37.70 -31.81 -25.02
N ILE D 151 -37.68 -31.29 -26.25
CA ILE D 151 -38.88 -30.76 -26.88
C ILE D 151 -40.00 -31.78 -27.09
N PHE D 152 -39.72 -33.08 -27.15
CA PHE D 152 -40.83 -34.08 -27.24
C PHE D 152 -41.49 -34.37 -25.88
N HIS D 153 -40.76 -34.07 -24.79
CA HIS D 153 -41.13 -34.48 -23.46
C HIS D 153 -40.98 -33.39 -22.39
N PRO D 154 -41.56 -32.17 -22.63
CA PRO D 154 -41.45 -31.11 -21.61
C PRO D 154 -42.09 -31.46 -20.25
N GLU D 155 -43.08 -32.38 -20.24
CA GLU D 155 -43.73 -32.81 -19.01
C GLU D 155 -42.79 -33.50 -18.07
N ASN D 156 -41.75 -34.15 -18.59
CA ASN D 156 -40.75 -34.87 -17.77
C ASN D 156 -39.56 -34.04 -17.28
N ALA D 157 -39.52 -32.75 -17.57
CA ALA D 157 -38.34 -31.96 -17.23
C ALA D 157 -38.35 -31.38 -15.84
N VAL D 158 -37.18 -31.44 -15.17
CA VAL D 158 -36.89 -30.62 -14.03
C VAL D 158 -35.73 -29.62 -14.48
N PRO D 159 -36.06 -28.38 -14.80
CA PRO D 159 -35.05 -27.51 -15.43
C PRO D 159 -34.06 -26.89 -14.43
N VAL D 160 -32.87 -26.51 -14.94
CA VAL D 160 -31.85 -25.76 -14.20
C VAL D 160 -31.53 -24.57 -15.15
N GLN D 161 -31.11 -23.46 -14.59
CA GLN D 161 -30.63 -22.35 -15.38
C GLN D 161 -29.24 -22.73 -15.89
N SER D 162 -28.93 -22.29 -17.13
CA SER D 162 -27.63 -22.46 -17.77
C SER D 162 -26.59 -21.85 -16.86
N TRP D 163 -25.49 -22.58 -16.65
CA TRP D 163 -24.47 -22.20 -15.70
C TRP D 163 -23.13 -22.06 -16.46
N PHE D 164 -22.39 -21.01 -16.14
CA PHE D 164 -21.12 -20.70 -16.82
C PHE D 164 -20.01 -20.52 -15.81
N ASP D 165 -20.22 -19.67 -14.81
CA ASP D 165 -19.10 -19.33 -13.93
C ASP D 165 -19.49 -18.78 -12.59
N ASP D 166 -20.79 -18.65 -12.33
CA ASP D 166 -21.29 -18.14 -11.06
C ASP D 166 -21.10 -19.11 -9.87
N MET D 167 -20.04 -18.84 -9.07
CA MET D 167 -19.65 -19.70 -7.93
C MET D 167 -20.52 -19.57 -6.66
N THR D 168 -21.50 -18.69 -6.69
CA THR D 168 -22.53 -18.62 -5.65
C THR D 168 -23.82 -19.35 -6.06
N ASP D 169 -23.86 -19.89 -7.28
CA ASP D 169 -24.95 -20.77 -7.69
C ASP D 169 -25.20 -21.93 -6.71
N THR D 170 -26.48 -22.24 -6.43
CA THR D 170 -26.82 -23.33 -5.48
C THR D 170 -28.00 -24.15 -6.01
N GLU D 171 -28.26 -24.07 -7.32
CA GLU D 171 -29.40 -24.77 -7.92
C GLU D 171 -29.30 -26.28 -7.74
N LEU D 172 -28.08 -26.82 -7.82
CA LEU D 172 -27.86 -28.29 -7.69
C LEU D 172 -28.05 -28.71 -6.25
N LEU D 173 -27.55 -27.89 -5.34
CA LEU D 173 -27.83 -28.07 -3.94
C LEU D 173 -29.35 -28.05 -3.67
N ASP D 174 -30.07 -27.05 -4.17
CA ASP D 174 -31.56 -26.96 -3.98
C ASP D 174 -32.34 -28.05 -4.64
N LEU D 175 -31.74 -28.74 -5.60
CA LEU D 175 -32.42 -29.92 -6.19
C LEU D 175 -32.46 -31.11 -5.22
N ILE D 176 -31.47 -31.18 -4.32
CA ILE D 176 -31.31 -32.36 -3.44
C ILE D 176 -32.61 -32.57 -2.62
N PRO D 177 -33.04 -31.57 -1.80
CA PRO D 177 -34.27 -31.79 -1.04
C PRO D 177 -35.52 -32.04 -1.94
N PHE D 178 -35.56 -31.44 -3.13
CA PHE D 178 -36.59 -31.73 -4.17
C PHE D 178 -36.68 -33.20 -4.55
N PHE D 179 -35.52 -33.76 -4.93
CA PHE D 179 -35.47 -35.15 -5.34
C PHE D 179 -35.65 -36.14 -4.17
N GLU D 180 -35.08 -35.83 -2.99
CA GLU D 180 -35.30 -36.63 -1.78
C GLU D 180 -36.79 -36.65 -1.39
N GLY D 181 -37.47 -35.51 -1.48
CA GLY D 181 -38.93 -35.49 -1.25
C GLY D 181 -39.68 -36.41 -2.22
N LEU D 182 -39.29 -36.35 -3.49
CA LEU D 182 -39.85 -37.16 -4.57
C LEU D 182 -39.57 -38.65 -4.36
N SER D 183 -38.38 -38.96 -3.89
CA SER D 183 -38.01 -40.32 -3.55
C SER D 183 -38.83 -40.87 -2.35
N ARG D 184 -39.00 -40.10 -1.27
CA ARG D 184 -39.92 -40.51 -0.19
C ARG D 184 -41.36 -40.72 -0.71
N GLU D 185 -41.72 -39.92 -1.72
CA GLU D 185 -42.89 -40.11 -2.60
C GLU D 185 -43.83 -38.92 -2.49
#